data_2X3X
#
_entry.id   2X3X
#
_cell.length_a   83.077
_cell.length_b   154.545
_cell.length_c   255.808
_cell.angle_alpha   90.00
_cell.angle_beta   90.00
_cell.angle_gamma   90.00
#
_symmetry.space_group_name_H-M   'C 2 2 21'
#
loop_
_entity.id
_entity.type
_entity.pdbx_description
1 polymer 'PROTEIN KINASE C AND CASEIN KINASE SUBSTRATE IN NEURONS PROTEIN 1'
2 polymer 'PROTEIN KINASE C AND CASEIN KINASE SUBSTRATE IN NEURONS PROTEIN 1'
#
loop_
_entity_poly.entity_id
_entity_poly.type
_entity_poly.pdbx_seq_one_letter_code
_entity_poly.pdbx_strand_id
1 'polypeptide(L)'
;MSGSYDEASEEITDSFWEVGNYKRTVKRIDDGHRLCNDLMSCVQERAKIEKAYAQQLTDWAKRWRQLIEKGPQYGSLERA
WGAMMTEADKVSELHQEVKNSLLNEDLEKVKNWQKDAYHKQIMGGFKETKEAEDGFRKAQKPWAKKMKELEAAKKAYHLA
CKEERLAMTREMNSKTEQSVTPEQQKKLVDKVDKCRQDVQKTQEKYEKVLEDVGKTTPQYMEGMEQVFEQCQQFEEKRLV
FLKEVLLDIKRHLNLAENSSYMHVYRELEQAIRGADAQEDLRWFRSTSGPGMPMNWPQFEEWNPDLPHTTAKKEKQPKKA
EGATLSNATGAVESTSQ
;
A,B,C
2 'polypeptide(L)' AKGVRVRALYDYDGQEQDELSFKAGDELTKLGEEDEQGWCRGRLDSGQLGLYPANYVEAI D,E
#
# COMPACT_ATOMS: atom_id res chain seq x y z
N ASP A 14 -36.76 -50.71 36.68
CA ASP A 14 -36.68 -49.44 37.47
C ASP A 14 -35.24 -49.18 37.95
N SER A 15 -34.84 -49.86 39.02
CA SER A 15 -33.54 -49.62 39.63
C SER A 15 -32.47 -50.33 38.87
N PHE A 16 -31.28 -49.73 38.88
CA PHE A 16 -30.05 -50.36 38.38
C PHE A 16 -29.94 -51.79 38.88
N TRP A 17 -30.27 -51.97 40.15
CA TRP A 17 -30.18 -53.26 40.84
C TRP A 17 -31.18 -54.30 40.34
N GLU A 18 -32.20 -53.87 39.61
CA GLU A 18 -33.09 -54.80 38.96
C GLU A 18 -32.33 -55.47 37.82
N VAL A 19 -32.70 -56.72 37.55
CA VAL A 19 -32.04 -57.51 36.52
C VAL A 19 -32.11 -56.78 35.18
N GLY A 20 -30.98 -56.72 34.48
CA GLY A 20 -30.92 -56.14 33.13
C GLY A 20 -30.56 -54.66 33.07
N ASN A 21 -30.94 -53.91 34.10
CA ASN A 21 -30.80 -52.45 34.08
C ASN A 21 -29.35 -51.91 34.14
N TYR A 22 -28.37 -52.79 34.28
CA TYR A 22 -26.97 -52.40 34.09
C TYR A 22 -26.70 -51.82 32.69
N LYS A 23 -27.57 -52.14 31.74
CA LYS A 23 -27.46 -51.72 30.34
C LYS A 23 -27.11 -50.24 30.11
N ARG A 24 -27.76 -49.34 30.85
CA ARG A 24 -27.52 -47.90 30.66
C ARG A 24 -26.06 -47.52 30.86
N THR A 25 -25.39 -48.16 31.83
CA THR A 25 -23.95 -48.00 32.02
C THR A 25 -23.14 -48.55 30.85
N VAL A 26 -23.71 -49.52 30.13
CA VAL A 26 -23.08 -50.07 28.93
C VAL A 26 -23.23 -49.10 27.76
N LYS A 27 -24.41 -48.52 27.62
CA LYS A 27 -24.64 -47.50 26.59
C LYS A 27 -23.57 -46.42 26.61
N ARG A 28 -23.34 -45.83 27.79
CA ARG A 28 -22.32 -44.80 27.97
C ARG A 28 -21.07 -45.10 27.16
N ILE A 29 -20.63 -46.34 27.19
CA ILE A 29 -19.37 -46.70 26.57
C ILE A 29 -19.44 -46.41 25.08
N ASP A 30 -20.52 -46.86 24.45
CA ASP A 30 -20.75 -46.60 23.03
C ASP A 30 -21.05 -45.14 22.72
N ASP A 31 -21.67 -44.42 23.65
CA ASP A 31 -21.90 -42.99 23.48
C ASP A 31 -20.63 -42.19 23.72
N GLY A 32 -19.74 -42.70 24.56
CA GLY A 32 -18.49 -42.01 24.86
C GLY A 32 -17.68 -41.85 23.59
N HIS A 33 -17.52 -42.94 22.86
CA HIS A 33 -16.84 -42.92 21.56
C HIS A 33 -17.62 -42.13 20.51
N ARG A 34 -18.95 -42.15 20.59
CA ARG A 34 -19.79 -41.36 19.69
C ARG A 34 -19.45 -39.89 19.81
N LEU A 35 -19.47 -39.39 21.05
CA LEU A 35 -19.16 -37.98 21.35
C LEU A 35 -17.82 -37.53 20.79
N CYS A 36 -16.79 -38.36 20.90
CA CYS A 36 -15.52 -38.07 20.28
C CYS A 36 -15.70 -37.68 18.82
N ASN A 37 -16.46 -38.48 18.10
CA ASN A 37 -16.70 -38.20 16.70
C ASN A 37 -17.39 -36.86 16.54
N ASP A 38 -18.54 -36.70 17.19
CA ASP A 38 -19.28 -35.42 17.19
C ASP A 38 -18.41 -34.19 17.48
N LEU A 39 -17.47 -34.32 18.43
CA LEU A 39 -16.58 -33.20 18.79
C LEU A 39 -15.60 -32.93 17.67
N MET A 40 -15.14 -33.98 17.01
CA MET A 40 -14.17 -33.85 15.94
C MET A 40 -14.81 -33.22 14.73
N SER A 41 -15.96 -33.76 14.35
CA SER A 41 -16.83 -33.18 13.33
C SER A 41 -17.06 -31.70 13.62
N CYS A 42 -17.29 -31.39 14.88
CA CYS A 42 -17.52 -30.02 15.31
C CYS A 42 -16.27 -29.15 15.24
N VAL A 43 -15.14 -29.71 15.63
CA VAL A 43 -13.90 -28.96 15.56
C VAL A 43 -13.51 -28.71 14.11
N GLN A 44 -13.71 -29.70 13.24
CA GLN A 44 -13.33 -29.53 11.84
C GLN A 44 -14.34 -28.67 11.07
N GLU A 45 -15.61 -28.70 11.46
CA GLU A 45 -16.59 -27.79 10.85
C GLU A 45 -16.20 -26.32 11.08
N ARG A 46 -15.61 -26.05 12.23
CA ARG A 46 -15.13 -24.71 12.58
C ARG A 46 -13.91 -24.39 11.77
N ALA A 47 -12.93 -25.30 11.79
CA ALA A 47 -11.67 -25.09 11.06
C ALA A 47 -11.89 -24.71 9.60
N LYS A 48 -12.92 -25.27 8.98
CA LYS A 48 -13.31 -24.90 7.63
C LYS A 48 -13.74 -23.42 7.59
N ILE A 49 -14.45 -22.98 8.63
CA ILE A 49 -15.00 -21.62 8.69
C ILE A 49 -13.93 -20.54 8.84
N GLU A 50 -12.93 -20.82 9.69
CA GLU A 50 -11.78 -19.93 9.83
C GLU A 50 -11.04 -19.83 8.52
N LYS A 51 -10.87 -20.96 7.83
CA LYS A 51 -10.23 -21.01 6.52
C LYS A 51 -10.91 -20.07 5.53
N ALA A 52 -12.24 -20.02 5.58
CA ALA A 52 -13.00 -19.16 4.71
C ALA A 52 -12.60 -17.70 4.90
N TYR A 53 -13.05 -17.12 6.02
CA TYR A 53 -12.69 -15.74 6.35
C TYR A 53 -11.26 -15.50 5.91
N ALA A 54 -10.32 -16.28 6.47
CA ALA A 54 -8.88 -16.23 6.13
C ALA A 54 -8.62 -16.14 4.62
N GLN A 55 -9.34 -16.93 3.84
CA GLN A 55 -9.20 -16.92 2.39
C GLN A 55 -9.65 -15.58 1.80
N GLN A 56 -10.89 -15.22 2.09
CA GLN A 56 -11.52 -14.01 1.53
C GLN A 56 -10.69 -12.75 1.80
N LEU A 57 -10.07 -12.70 2.96
CA LEU A 57 -9.21 -11.57 3.30
C LEU A 57 -8.00 -11.51 2.35
N THR A 58 -7.39 -12.65 2.06
CA THR A 58 -6.15 -12.67 1.26
C THR A 58 -6.44 -12.30 -0.17
N ASP A 59 -7.61 -12.68 -0.65
CA ASP A 59 -8.06 -12.26 -1.96
C ASP A 59 -8.27 -10.73 -1.94
N TRP A 60 -9.11 -10.27 -1.02
CA TRP A 60 -9.37 -8.83 -0.82
C TRP A 60 -8.07 -8.03 -0.69
N ALA A 61 -7.08 -8.61 -0.01
CA ALA A 61 -5.77 -7.98 0.12
C ALA A 61 -5.08 -7.84 -1.24
N LYS A 62 -5.01 -8.94 -1.98
CA LYS A 62 -4.33 -8.97 -3.28
C LYS A 62 -5.13 -8.22 -4.35
N ARG A 63 -6.46 -8.28 -4.25
CA ARG A 63 -7.33 -7.54 -5.15
C ARG A 63 -7.04 -6.05 -5.08
N TRP A 64 -7.22 -5.45 -3.90
CA TRP A 64 -7.06 -4.01 -3.74
C TRP A 64 -5.62 -3.52 -3.72
N ARG A 65 -4.69 -4.38 -3.33
CA ARG A 65 -3.29 -4.02 -3.44
C ARG A 65 -2.99 -3.61 -4.87
N GLN A 66 -3.52 -4.37 -5.83
CA GLN A 66 -3.28 -4.08 -7.24
C GLN A 66 -4.08 -2.87 -7.71
N LEU A 67 -5.38 -2.85 -7.44
CA LEU A 67 -6.22 -1.73 -7.84
C LEU A 67 -5.67 -0.40 -7.32
N ILE A 68 -5.20 -0.40 -6.07
CA ILE A 68 -4.55 0.77 -5.50
C ILE A 68 -3.24 1.04 -6.22
N GLU A 69 -2.44 -0.02 -6.34
CA GLU A 69 -1.13 0.04 -6.98
C GLU A 69 -1.25 0.68 -8.37
N LYS A 70 -1.90 -0.01 -9.31
CA LYS A 70 -2.03 0.50 -10.69
C LYS A 70 -3.13 1.56 -10.80
N GLY A 71 -3.44 2.20 -9.67
CA GLY A 71 -4.42 3.27 -9.63
C GLY A 71 -3.77 4.62 -9.31
N PRO A 72 -4.48 5.72 -9.61
CA PRO A 72 -4.01 7.10 -9.59
C PRO A 72 -3.49 7.62 -8.24
N GLN A 73 -3.85 6.96 -7.13
CA GLN A 73 -3.30 7.33 -5.83
C GLN A 73 -1.79 7.11 -5.83
N TYR A 74 -1.08 8.05 -5.21
CA TYR A 74 0.39 8.07 -5.23
C TYR A 74 0.94 8.43 -3.86
N GLY A 75 2.23 8.18 -3.70
CA GLY A 75 3.00 8.68 -2.55
C GLY A 75 2.70 8.01 -1.23
N SER A 76 2.79 8.79 -0.16
CA SER A 76 2.58 8.26 1.18
C SER A 76 1.16 7.74 1.35
N LEU A 77 0.19 8.54 0.96
CA LEU A 77 -1.22 8.15 1.11
C LEU A 77 -1.54 6.81 0.42
N GLU A 78 -0.88 6.53 -0.70
CA GLU A 78 -1.03 5.24 -1.35
C GLU A 78 -0.47 4.11 -0.49
N ARG A 79 0.69 4.34 0.13
CA ARG A 79 1.28 3.34 1.04
C ARG A 79 0.35 3.12 2.23
N ALA A 80 -0.20 4.20 2.78
CA ALA A 80 -1.07 4.14 3.96
C ALA A 80 -2.32 3.33 3.68
N TRP A 81 -2.99 3.62 2.58
CA TRP A 81 -4.10 2.79 2.11
C TRP A 81 -3.61 1.37 1.88
N GLY A 82 -2.49 1.25 1.16
CA GLY A 82 -1.87 -0.04 0.92
C GLY A 82 -1.71 -0.90 2.16
N ALA A 83 -1.24 -0.26 3.25
CA ALA A 83 -0.99 -0.93 4.53
C ALA A 83 -2.24 -1.50 5.19
N MET A 84 -3.40 -1.25 4.60
CA MET A 84 -4.63 -1.88 5.04
C MET A 84 -4.73 -3.30 4.48
N MET A 85 -4.35 -3.49 3.23
CA MET A 85 -4.29 -4.84 2.65
C MET A 85 -3.24 -5.70 3.34
N THR A 86 -2.26 -5.06 3.98
CA THR A 86 -1.27 -5.78 4.78
C THR A 86 -1.94 -6.38 6.01
N GLU A 87 -2.79 -5.61 6.69
CA GLU A 87 -3.50 -6.15 7.86
C GLU A 87 -4.41 -7.32 7.45
N ALA A 88 -5.14 -7.16 6.35
CA ALA A 88 -6.04 -8.20 5.88
C ALA A 88 -5.25 -9.47 5.64
N ASP A 89 -4.03 -9.35 5.14
CA ASP A 89 -3.12 -10.50 4.98
C ASP A 89 -2.61 -11.03 6.32
N LYS A 90 -2.18 -10.14 7.20
CA LYS A 90 -1.60 -10.58 8.48
C LYS A 90 -2.66 -11.23 9.37
N VAL A 91 -3.85 -10.64 9.47
CA VAL A 91 -4.96 -11.31 10.16
C VAL A 91 -5.16 -12.69 9.51
N SER A 92 -5.54 -12.69 8.22
CA SER A 92 -5.80 -13.93 7.48
C SER A 92 -4.85 -15.06 7.79
N GLU A 93 -3.56 -14.73 7.86
CA GLU A 93 -2.50 -15.67 8.20
C GLU A 93 -2.69 -16.25 9.61
N LEU A 94 -3.18 -15.43 10.54
CA LEU A 94 -3.43 -15.88 11.92
C LEU A 94 -4.64 -16.81 11.98
N HIS A 95 -5.59 -16.60 11.08
CA HIS A 95 -6.76 -17.49 10.99
C HIS A 95 -6.44 -18.82 10.28
N GLN A 96 -5.37 -18.86 9.50
CA GLN A 96 -4.90 -20.14 8.98
C GLN A 96 -4.24 -20.91 10.12
N GLU A 97 -3.51 -20.18 10.97
CA GLU A 97 -2.83 -20.81 12.11
C GLU A 97 -3.84 -21.44 13.08
N VAL A 98 -4.97 -20.77 13.27
CA VAL A 98 -6.07 -21.34 14.04
C VAL A 98 -6.49 -22.66 13.38
N LYS A 99 -6.85 -22.57 12.11
CA LYS A 99 -7.34 -23.72 11.32
C LYS A 99 -6.36 -24.92 11.36
N ASN A 100 -5.06 -24.66 11.27
CA ASN A 100 -4.07 -25.73 11.38
C ASN A 100 -4.11 -26.31 12.78
N SER A 101 -3.93 -25.47 13.78
CA SER A 101 -3.90 -25.93 15.17
C SER A 101 -5.22 -26.58 15.62
N LEU A 102 -6.33 -26.28 14.96
CA LEU A 102 -7.57 -27.01 15.19
C LEU A 102 -7.52 -28.42 14.60
N LEU A 103 -6.95 -28.53 13.39
CA LEU A 103 -6.97 -29.78 12.61
C LEU A 103 -5.74 -30.65 12.81
N ASN A 104 -4.58 -30.02 12.87
CA ASN A 104 -3.32 -30.73 13.05
C ASN A 104 -3.05 -31.10 14.49
N GLU A 105 -3.58 -30.31 15.42
CA GLU A 105 -3.20 -30.46 16.80
C GLU A 105 -4.33 -31.03 17.66
N ASP A 106 -5.49 -30.39 17.63
CA ASP A 106 -6.59 -30.75 18.52
C ASP A 106 -7.36 -31.98 18.03
N LEU A 107 -7.75 -31.94 16.76
CA LEU A 107 -8.51 -33.03 16.13
C LEU A 107 -7.72 -34.33 16.22
N GLU A 108 -6.44 -34.27 15.85
CA GLU A 108 -5.58 -35.46 15.85
C GLU A 108 -5.36 -36.04 17.24
N LYS A 109 -5.43 -35.18 18.26
CA LYS A 109 -5.31 -35.62 19.64
C LYS A 109 -6.48 -36.54 20.01
N VAL A 110 -7.70 -36.08 19.71
CA VAL A 110 -8.94 -36.83 19.96
C VAL A 110 -9.02 -38.13 19.13
N LYS A 111 -8.54 -38.05 17.89
CA LYS A 111 -8.49 -39.19 16.99
C LYS A 111 -7.57 -40.27 17.55
N ASN A 112 -6.38 -39.84 17.97
CA ASN A 112 -5.35 -40.73 18.54
C ASN A 112 -5.69 -41.24 19.94
N TRP A 113 -6.59 -40.57 20.64
CA TRP A 113 -7.07 -41.05 21.94
C TRP A 113 -8.08 -42.16 21.76
N GLN A 114 -9.12 -41.89 20.97
CA GLN A 114 -10.20 -42.87 20.77
C GLN A 114 -9.73 -44.05 19.94
N LYS A 115 -8.68 -43.84 19.15
CA LYS A 115 -7.99 -44.94 18.49
C LYS A 115 -7.36 -45.88 19.53
N ASP A 116 -6.75 -45.29 20.57
CA ASP A 116 -6.10 -46.03 21.66
C ASP A 116 -7.06 -46.44 22.78
N ALA A 117 -8.22 -45.81 22.83
CA ALA A 117 -9.18 -46.02 23.91
C ALA A 117 -10.27 -47.03 23.54
N TYR A 118 -10.74 -47.01 22.30
CA TYR A 118 -11.80 -47.90 21.84
C TYR A 118 -11.30 -48.81 20.73
N HIS A 119 -11.57 -50.11 20.87
CA HIS A 119 -11.11 -51.10 19.91
C HIS A 119 -12.30 -51.87 19.35
N LYS A 120 -12.43 -51.87 18.03
CA LYS A 120 -13.59 -52.47 17.35
C LYS A 120 -13.55 -53.97 17.45
N GLN A 121 -14.70 -54.60 17.23
CA GLN A 121 -14.78 -56.04 17.18
C GLN A 121 -15.07 -56.49 15.74
N ILE A 122 -14.73 -57.74 15.45
CA ILE A 122 -15.02 -58.37 14.15
C ILE A 122 -16.52 -58.35 13.83
N MET A 123 -17.34 -58.70 14.81
CA MET A 123 -18.79 -58.68 14.69
C MET A 123 -19.33 -57.28 15.07
N GLY A 124 -18.57 -56.23 14.79
CA GLY A 124 -18.94 -54.87 15.18
C GLY A 124 -19.00 -54.66 16.69
N GLY A 125 -19.14 -53.40 17.08
CA GLY A 125 -19.16 -53.05 18.50
C GLY A 125 -17.77 -52.97 19.06
N PHE A 126 -17.66 -52.65 20.35
CA PHE A 126 -16.36 -52.40 20.97
C PHE A 126 -15.96 -53.40 22.07
N LYS A 127 -14.77 -53.98 21.87
CA LYS A 127 -14.05 -54.78 22.86
C LYS A 127 -14.23 -54.22 24.28
N GLU A 128 -14.23 -52.90 24.38
CA GLU A 128 -14.51 -52.21 25.63
C GLU A 128 -15.93 -52.47 26.10
N THR A 129 -16.93 -52.14 25.27
CA THR A 129 -18.32 -52.28 25.68
C THR A 129 -18.69 -53.72 25.95
N LYS A 130 -18.41 -54.59 24.98
CA LYS A 130 -18.72 -56.02 25.08
C LYS A 130 -18.21 -56.63 26.39
N GLU A 131 -17.04 -56.22 26.84
CA GLU A 131 -16.49 -56.70 28.10
C GLU A 131 -17.27 -56.10 29.27
N ALA A 132 -17.69 -54.85 29.14
CA ALA A 132 -18.57 -54.23 30.13
C ALA A 132 -19.88 -55.00 30.23
N GLU A 133 -20.40 -55.39 29.07
CA GLU A 133 -21.62 -56.19 28.99
C GLU A 133 -21.40 -57.52 29.69
N ASP A 134 -20.38 -58.24 29.27
CA ASP A 134 -20.08 -59.58 29.80
C ASP A 134 -19.91 -59.56 31.31
N GLY A 135 -19.17 -58.59 31.82
CA GLY A 135 -18.90 -58.44 33.25
C GLY A 135 -20.16 -58.32 34.08
N PHE A 136 -21.08 -57.49 33.62
CA PHE A 136 -22.37 -57.33 34.29
C PHE A 136 -23.17 -58.61 34.20
N ARG A 137 -23.28 -59.18 33.01
CA ARG A 137 -24.03 -60.40 32.85
C ARG A 137 -23.51 -61.51 33.78
N LYS A 138 -22.19 -61.61 33.89
CA LYS A 138 -21.55 -62.66 34.68
C LYS A 138 -21.75 -62.42 36.18
N ALA A 139 -21.55 -61.19 36.62
CA ALA A 139 -21.70 -60.82 38.02
C ALA A 139 -23.14 -60.87 38.51
N GLN A 140 -24.09 -60.80 37.58
CA GLN A 140 -25.51 -60.85 37.91
C GLN A 140 -26.09 -62.25 37.75
N LYS A 141 -25.37 -63.16 37.10
CA LYS A 141 -25.91 -64.50 36.78
C LYS A 141 -26.54 -65.23 37.98
N PRO A 142 -25.80 -65.35 39.09
CA PRO A 142 -26.36 -66.12 40.18
C PRO A 142 -27.63 -65.47 40.73
N TRP A 143 -27.52 -64.21 41.11
CA TRP A 143 -28.67 -63.44 41.61
C TRP A 143 -29.86 -63.56 40.66
N ALA A 144 -29.64 -63.19 39.39
CA ALA A 144 -30.68 -63.21 38.37
C ALA A 144 -31.33 -64.57 38.28
N LYS A 145 -30.53 -65.61 38.50
CA LYS A 145 -31.01 -67.00 38.50
C LYS A 145 -31.84 -67.32 39.76
N LYS A 146 -31.42 -66.77 40.91
CA LYS A 146 -32.14 -66.94 42.18
C LYS A 146 -33.54 -66.33 42.15
N MET A 147 -33.72 -65.22 41.43
CA MET A 147 -35.01 -64.54 41.37
C MET A 147 -35.99 -65.34 40.55
N LYS A 148 -35.49 -66.06 39.55
CA LYS A 148 -36.33 -66.88 38.66
C LYS A 148 -36.99 -67.99 39.45
N GLU A 149 -36.23 -68.58 40.37
CA GLU A 149 -36.76 -69.56 41.33
C GLU A 149 -37.66 -68.90 42.37
N LEU A 150 -37.24 -67.73 42.84
CA LEU A 150 -37.98 -66.98 43.86
C LEU A 150 -39.40 -66.67 43.41
N GLU A 151 -39.56 -66.24 42.16
CA GLU A 151 -40.89 -65.88 41.62
C GLU A 151 -41.83 -67.07 41.54
N ALA A 152 -41.35 -68.16 40.95
CA ALA A 152 -42.18 -69.36 40.77
C ALA A 152 -42.48 -70.02 42.11
N ALA A 153 -41.48 -70.01 43.00
CA ALA A 153 -41.67 -70.44 44.36
C ALA A 153 -42.82 -69.67 45.01
N LYS A 154 -42.76 -68.34 44.91
CA LYS A 154 -43.76 -67.45 45.49
C LYS A 154 -45.16 -67.70 44.91
N LYS A 155 -45.26 -67.64 43.59
CA LYS A 155 -46.53 -67.92 42.92
C LYS A 155 -47.06 -69.30 43.34
N ALA A 156 -46.14 -70.26 43.46
CA ALA A 156 -46.47 -71.61 43.95
C ALA A 156 -47.13 -71.54 45.32
N TYR A 157 -46.45 -70.87 46.25
CA TYR A 157 -46.94 -70.70 47.63
C TYR A 157 -48.33 -70.11 47.68
N HIS A 158 -48.55 -69.06 46.88
CA HIS A 158 -49.84 -68.36 46.84
C HIS A 158 -50.99 -69.19 46.24
N LEU A 159 -50.67 -70.20 45.43
CA LEU A 159 -51.68 -71.17 45.00
C LEU A 159 -52.13 -71.96 46.21
N ALA A 160 -51.23 -72.73 46.80
CA ALA A 160 -51.59 -73.57 47.95
C ALA A 160 -52.53 -72.84 48.92
N CYS A 161 -52.21 -71.58 49.21
CA CYS A 161 -53.05 -70.70 50.02
C CYS A 161 -54.49 -70.59 49.51
N LYS A 162 -54.66 -69.96 48.34
CA LYS A 162 -55.98 -69.82 47.73
C LYS A 162 -56.73 -71.15 47.67
N GLU A 163 -55.99 -72.23 47.46
CA GLU A 163 -56.57 -73.57 47.40
C GLU A 163 -57.07 -74.01 48.77
N GLU A 164 -56.34 -73.65 49.83
CA GLU A 164 -56.77 -73.94 51.19
C GLU A 164 -57.70 -72.87 51.78
N ARG A 165 -58.02 -71.83 51.01
CA ARG A 165 -59.04 -70.86 51.44
C ARG A 165 -60.40 -71.30 50.92
N LEU A 166 -60.46 -71.60 49.63
CA LEU A 166 -61.68 -72.13 49.00
C LEU A 166 -61.98 -73.52 49.53
N ALA A 167 -60.95 -74.38 49.60
CA ALA A 167 -61.10 -75.76 50.09
C ALA A 167 -61.68 -75.85 51.51
N MET A 168 -61.32 -74.88 52.34
CA MET A 168 -61.77 -74.82 53.73
C MET A 168 -63.18 -74.23 53.79
N THR A 169 -63.43 -73.18 53.00
CA THR A 169 -64.76 -72.54 52.94
C THR A 169 -65.79 -73.46 52.29
N ARG A 170 -65.35 -74.36 51.42
CA ARG A 170 -66.22 -75.34 50.78
C ARG A 170 -66.58 -76.46 51.77
N GLU A 171 -65.59 -76.88 52.57
CA GLU A 171 -65.80 -77.82 53.68
C GLU A 171 -66.71 -77.22 54.74
N MET A 172 -66.33 -76.05 55.22
CA MET A 172 -67.01 -75.34 56.30
C MET A 172 -68.50 -75.06 56.01
N ASN A 173 -68.87 -74.99 54.72
CA ASN A 173 -70.27 -74.84 54.30
C ASN A 173 -71.18 -75.97 54.79
N SER A 174 -70.61 -77.15 54.98
CA SER A 174 -71.37 -78.33 55.39
C SER A 174 -71.75 -78.28 56.88
N LYS A 175 -72.95 -77.77 57.19
CA LYS A 175 -73.46 -77.76 58.58
C LYS A 175 -74.37 -78.97 58.83
N THR A 176 -75.67 -78.79 58.62
CA THR A 176 -76.67 -79.87 58.74
C THR A 176 -77.33 -80.05 57.37
N GLU A 177 -76.58 -80.64 56.44
CA GLU A 177 -76.97 -80.75 55.03
C GLU A 177 -77.37 -82.18 54.63
N GLN A 178 -78.18 -82.29 53.57
CA GLN A 178 -78.62 -83.59 53.04
C GLN A 178 -77.53 -84.22 52.18
N SER A 179 -76.82 -83.41 51.41
CA SER A 179 -75.67 -83.87 50.62
C SER A 179 -74.55 -84.40 51.51
N VAL A 180 -74.30 -83.72 52.62
CA VAL A 180 -73.14 -83.98 53.47
C VAL A 180 -73.33 -85.26 54.31
N THR A 181 -73.37 -86.39 53.62
CA THR A 181 -73.55 -87.69 54.27
C THR A 181 -72.27 -88.06 55.01
N PRO A 182 -72.35 -88.29 56.35
CA PRO A 182 -71.20 -88.74 57.13
C PRO A 182 -70.57 -90.03 56.59
N GLU A 183 -69.79 -89.87 55.52
CA GLU A 183 -69.18 -90.98 54.76
C GLU A 183 -68.59 -90.39 53.47
N GLN A 184 -69.36 -89.54 52.82
CA GLN A 184 -68.93 -88.80 51.64
C GLN A 184 -68.16 -87.54 52.04
N GLN A 185 -68.50 -86.97 53.20
CA GLN A 185 -67.95 -85.69 53.65
C GLN A 185 -66.64 -85.82 54.44
N LYS A 186 -66.00 -86.99 54.39
CA LYS A 186 -64.63 -87.12 54.87
C LYS A 186 -63.65 -87.05 53.70
N LYS A 187 -64.18 -86.82 52.49
CA LYS A 187 -63.35 -86.52 51.31
C LYS A 187 -63.04 -85.03 51.23
N LEU A 188 -63.73 -84.22 52.02
CA LEU A 188 -63.43 -82.78 52.11
C LEU A 188 -62.41 -82.51 53.23
N VAL A 189 -62.38 -83.39 54.25
CA VAL A 189 -61.33 -83.37 55.26
C VAL A 189 -60.04 -83.92 54.67
N ASP A 190 -60.12 -85.06 53.97
CA ASP A 190 -59.00 -85.56 53.18
C ASP A 190 -58.45 -84.42 52.34
N LYS A 191 -59.36 -83.69 51.69
CA LYS A 191 -59.01 -82.54 50.87
C LYS A 191 -58.20 -81.51 51.69
N VAL A 192 -58.88 -80.74 52.54
CA VAL A 192 -58.22 -79.65 53.27
C VAL A 192 -56.95 -80.08 54.01
N ASP A 193 -56.97 -81.25 54.67
CA ASP A 193 -55.86 -81.64 55.58
C ASP A 193 -54.58 -82.16 54.92
N LYS A 194 -54.51 -82.12 53.59
CA LYS A 194 -53.23 -82.13 52.86
C LYS A 194 -53.15 -80.94 51.90
N CYS A 195 -54.29 -80.58 51.30
CA CYS A 195 -54.47 -79.29 50.64
C CYS A 195 -53.87 -78.15 51.49
N ARG A 196 -54.05 -78.21 52.80
CA ARG A 196 -53.40 -77.29 53.72
C ARG A 196 -51.95 -77.70 53.95
N GLN A 197 -51.75 -78.96 54.33
CA GLN A 197 -50.40 -79.44 54.69
C GLN A 197 -49.45 -79.62 53.50
N ASP A 198 -49.79 -79.02 52.35
CA ASP A 198 -48.80 -78.79 51.29
C ASP A 198 -48.61 -77.28 51.00
N VAL A 199 -49.44 -76.42 51.60
CA VAL A 199 -49.07 -75.00 51.76
C VAL A 199 -47.80 -74.97 52.61
N GLN A 200 -47.73 -75.88 53.58
CA GLN A 200 -46.51 -76.08 54.36
C GLN A 200 -45.31 -76.41 53.47
N LYS A 201 -45.49 -77.35 52.54
CA LYS A 201 -44.43 -77.67 51.59
C LYS A 201 -44.06 -76.45 50.77
N THR A 202 -45.07 -75.83 50.18
CA THR A 202 -44.85 -74.71 49.29
C THR A 202 -44.28 -73.50 50.04
N GLN A 203 -44.66 -73.36 51.31
CA GLN A 203 -44.12 -72.30 52.16
C GLN A 203 -42.63 -72.52 52.45
N GLU A 204 -42.29 -73.72 52.90
CA GLU A 204 -40.90 -74.03 53.25
C GLU A 204 -39.99 -73.65 52.09
N LYS A 205 -40.33 -74.09 50.88
CA LYS A 205 -39.51 -73.75 49.72
C LYS A 205 -39.39 -72.24 49.56
N TYR A 206 -40.53 -71.56 49.44
CA TYR A 206 -40.54 -70.10 49.29
C TYR A 206 -39.74 -69.39 50.40
N GLU A 207 -39.85 -69.89 51.63
CA GLU A 207 -39.04 -69.38 52.73
C GLU A 207 -37.55 -69.66 52.51
N LYS A 208 -37.25 -70.80 51.90
CA LYS A 208 -35.86 -71.24 51.74
C LYS A 208 -35.18 -70.50 50.61
N VAL A 209 -35.82 -70.48 49.45
CA VAL A 209 -35.31 -69.68 48.33
C VAL A 209 -34.93 -68.30 48.86
N LEU A 210 -35.87 -67.69 49.60
CA LEU A 210 -35.69 -66.36 50.18
C LEU A 210 -34.38 -66.26 50.97
N GLU A 211 -34.09 -67.30 51.74
CA GLU A 211 -32.88 -67.31 52.55
C GLU A 211 -31.62 -67.21 51.71
N ASP A 212 -31.53 -68.03 50.67
CA ASP A 212 -30.37 -67.99 49.78
C ASP A 212 -30.22 -66.60 49.15
N VAL A 213 -31.29 -66.13 48.52
CA VAL A 213 -31.34 -64.81 47.91
C VAL A 213 -30.79 -63.71 48.85
N GLY A 214 -31.07 -63.86 50.14
CA GLY A 214 -30.53 -62.95 51.16
C GLY A 214 -29.02 -63.09 51.35
N LYS A 215 -28.54 -64.33 51.39
CA LYS A 215 -27.12 -64.59 51.61
C LYS A 215 -26.30 -64.20 50.37
N THR A 216 -26.90 -64.40 49.20
CA THR A 216 -26.26 -64.08 47.93
C THR A 216 -26.05 -62.57 47.76
N THR A 217 -27.03 -61.78 48.18
CA THR A 217 -27.06 -60.35 47.83
C THR A 217 -25.74 -59.58 48.04
N PRO A 218 -25.07 -59.76 49.18
CA PRO A 218 -23.79 -59.08 49.35
C PRO A 218 -22.82 -59.32 48.19
N GLN A 219 -22.60 -60.58 47.83
CA GLN A 219 -21.67 -60.91 46.74
C GLN A 219 -22.22 -60.49 45.37
N TYR A 220 -23.55 -60.41 45.26
CA TYR A 220 -24.18 -59.87 44.07
C TYR A 220 -23.85 -58.39 43.91
N MET A 221 -24.05 -57.62 44.96
CA MET A 221 -23.76 -56.19 44.93
C MET A 221 -22.25 -55.94 44.78
N GLU A 222 -21.44 -56.60 45.61
CA GLU A 222 -19.98 -56.50 45.54
C GLU A 222 -19.48 -56.56 44.10
N GLY A 223 -19.85 -57.63 43.40
CA GLY A 223 -19.41 -57.86 42.02
C GLY A 223 -20.02 -56.92 40.99
N MET A 224 -21.28 -56.52 41.20
CA MET A 224 -21.96 -55.57 40.31
C MET A 224 -21.35 -54.19 40.42
N GLU A 225 -20.89 -53.86 41.62
CA GLU A 225 -20.26 -52.57 41.92
C GLU A 225 -18.83 -52.55 41.38
N GLN A 226 -18.19 -53.71 41.39
CA GLN A 226 -16.88 -53.88 40.78
C GLN A 226 -16.91 -53.40 39.31
N VAL A 227 -17.69 -54.10 38.49
CA VAL A 227 -17.86 -53.77 37.06
C VAL A 227 -18.28 -52.33 36.84
N PHE A 228 -19.19 -51.82 37.67
CA PHE A 228 -19.62 -50.46 37.49
C PHE A 228 -18.49 -49.47 37.74
N GLU A 229 -17.82 -49.58 38.88
CA GLU A 229 -16.70 -48.66 39.19
C GLU A 229 -15.57 -48.78 38.16
N GLN A 230 -15.48 -49.96 37.54
CA GLN A 230 -14.63 -50.17 36.38
C GLN A 230 -15.14 -49.32 35.20
N CYS A 231 -16.44 -49.35 34.93
CA CYS A 231 -17.02 -48.50 33.87
C CYS A 231 -16.84 -47.00 34.16
N GLN A 232 -16.94 -46.62 35.43
CA GLN A 232 -16.75 -45.22 35.88
C GLN A 232 -15.34 -44.71 35.58
N GLN A 233 -14.35 -45.47 36.02
CA GLN A 233 -12.94 -45.15 35.75
C GLN A 233 -12.62 -45.00 34.26
N PHE A 234 -13.31 -45.77 33.42
CA PHE A 234 -13.15 -45.65 31.97
C PHE A 234 -13.85 -44.39 31.46
N GLU A 235 -14.95 -44.02 32.10
CA GLU A 235 -15.64 -42.80 31.75
C GLU A 235 -14.78 -41.61 32.13
N GLU A 236 -14.45 -41.48 33.42
CA GLU A 236 -13.60 -40.38 33.90
C GLU A 236 -12.46 -40.10 32.93
N LYS A 237 -11.64 -41.12 32.67
CA LYS A 237 -10.52 -41.00 31.75
C LYS A 237 -10.87 -40.18 30.50
N ARG A 238 -12.09 -40.36 29.99
CA ARG A 238 -12.59 -39.58 28.86
C ARG A 238 -12.85 -38.14 29.26
N LEU A 239 -13.68 -37.94 30.29
CA LEU A 239 -14.09 -36.60 30.73
C LEU A 239 -12.89 -35.68 31.07
N VAL A 240 -11.93 -36.19 31.84
CA VAL A 240 -10.75 -35.43 32.20
C VAL A 240 -10.00 -34.95 30.96
N PHE A 241 -10.09 -35.76 29.89
CA PHE A 241 -9.36 -35.54 28.63
C PHE A 241 -10.09 -34.60 27.68
N LEU A 242 -11.41 -34.71 27.60
CA LEU A 242 -12.21 -33.77 26.80
C LEU A 242 -12.15 -32.37 27.40
N LYS A 243 -12.04 -32.28 28.73
CA LYS A 243 -11.75 -31.01 29.41
C LYS A 243 -10.45 -30.42 28.89
N GLU A 244 -9.42 -31.26 28.75
CA GLU A 244 -8.10 -30.84 28.29
C GLU A 244 -8.13 -30.39 26.83
N VAL A 245 -8.79 -31.21 25.99
CA VAL A 245 -8.88 -30.92 24.56
C VAL A 245 -9.76 -29.72 24.31
N LEU A 246 -10.73 -29.46 25.17
CA LEU A 246 -11.55 -28.25 25.03
C LEU A 246 -10.75 -26.98 25.39
N LEU A 247 -10.05 -27.06 26.53
CA LEU A 247 -9.19 -25.98 26.99
C LEU A 247 -8.09 -25.73 25.97
N ASP A 248 -7.64 -26.81 25.33
CA ASP A 248 -6.72 -26.73 24.17
C ASP A 248 -7.32 -25.98 22.96
N ILE A 249 -8.54 -26.33 22.59
CA ILE A 249 -9.21 -25.68 21.46
C ILE A 249 -9.36 -24.18 21.75
N LYS A 250 -9.73 -23.83 22.98
CA LYS A 250 -9.99 -22.43 23.35
C LYS A 250 -8.77 -21.54 23.23
N ARG A 251 -7.58 -22.07 23.50
CA ARG A 251 -6.36 -21.29 23.33
C ARG A 251 -6.11 -21.07 21.85
N HIS A 252 -6.51 -22.05 21.03
CA HIS A 252 -6.32 -21.96 19.59
C HIS A 252 -7.29 -21.01 18.89
N LEU A 253 -8.45 -20.76 19.48
CA LEU A 253 -9.42 -19.85 18.91
C LEU A 253 -9.09 -18.39 19.23
N ASN A 254 -8.54 -18.14 20.41
CA ASN A 254 -8.29 -16.76 20.89
C ASN A 254 -7.10 -16.09 20.16
N LEU A 255 -7.38 -15.43 19.04
CA LEU A 255 -6.35 -14.70 18.27
C LEU A 255 -5.45 -13.81 19.14
N ALA A 256 -6.01 -13.30 20.24
CA ALA A 256 -5.33 -12.30 21.06
C ALA A 256 -4.90 -12.82 22.42
N GLU A 257 -4.40 -14.05 22.48
CA GLU A 257 -3.57 -14.43 23.61
C GLU A 257 -2.16 -14.59 23.10
N ASN A 258 -1.72 -13.54 22.40
CA ASN A 258 -0.53 -13.61 21.56
C ASN A 258 -0.35 -12.25 20.88
N SER A 259 0.75 -11.55 21.20
CA SER A 259 0.95 -10.18 20.76
C SER A 259 1.00 -10.00 19.23
N SER A 260 0.93 -11.09 18.48
CA SER A 260 0.83 -11.03 17.03
C SER A 260 -0.31 -10.11 16.61
N TYR A 261 -1.49 -10.38 17.16
CA TYR A 261 -2.73 -9.71 16.76
C TYR A 261 -2.72 -8.24 17.19
N MET A 262 -2.19 -7.99 18.40
CA MET A 262 -1.96 -6.64 18.92
C MET A 262 -1.06 -5.82 18.03
N HIS A 263 0.06 -6.42 17.63
CA HIS A 263 1.05 -5.75 16.81
C HIS A 263 0.61 -5.52 15.36
N VAL A 264 -0.46 -6.19 14.92
CA VAL A 264 -0.96 -6.00 13.57
C VAL A 264 -1.48 -4.60 13.45
N TYR A 265 -2.41 -4.25 14.33
CA TYR A 265 -3.07 -2.94 14.25
C TYR A 265 -2.17 -1.82 14.78
N ARG A 266 -1.10 -2.20 15.45
CA ARG A 266 -0.05 -1.27 15.84
C ARG A 266 0.62 -0.72 14.60
N GLU A 267 1.00 -1.63 13.70
CA GLU A 267 1.71 -1.26 12.47
C GLU A 267 0.79 -0.63 11.43
N LEU A 268 -0.50 -0.96 11.47
CA LEU A 268 -1.48 -0.28 10.62
C LEU A 268 -1.57 1.18 11.03
N GLU A 269 -1.49 1.43 12.34
CA GLU A 269 -1.53 2.80 12.84
C GLU A 269 -0.31 3.61 12.44
N GLN A 270 0.87 2.99 12.41
CA GLN A 270 2.08 3.71 12.01
C GLN A 270 2.08 4.03 10.53
N ALA A 271 1.64 3.07 9.72
CA ALA A 271 1.53 3.30 8.27
C ALA A 271 0.68 4.52 7.96
N ILE A 272 -0.46 4.64 8.63
CA ILE A 272 -1.37 5.73 8.36
C ILE A 272 -0.80 7.06 8.87
N ARG A 273 -0.32 7.06 10.11
CA ARG A 273 0.24 8.27 10.75
C ARG A 273 1.43 8.86 9.98
N GLY A 274 2.28 7.97 9.46
CA GLY A 274 3.44 8.36 8.67
C GLY A 274 3.13 8.84 7.27
N ALA A 275 1.85 8.87 6.90
CA ALA A 275 1.43 9.51 5.66
C ALA A 275 1.49 11.03 5.82
N ASP A 276 1.71 11.73 4.71
CA ASP A 276 1.90 13.19 4.73
C ASP A 276 1.38 13.81 3.44
N ALA A 277 0.35 14.64 3.57
CA ALA A 277 -0.26 15.31 2.43
C ALA A 277 0.71 16.30 1.78
N GLN A 278 1.53 16.94 2.61
CA GLN A 278 2.52 17.92 2.13
C GLN A 278 3.55 17.24 1.25
N GLU A 279 4.08 16.12 1.74
CA GLU A 279 5.14 15.39 1.04
C GLU A 279 4.67 14.92 -0.34
N ASP A 280 3.46 14.38 -0.40
CA ASP A 280 2.85 13.96 -1.67
C ASP A 280 2.69 15.15 -2.61
N LEU A 281 2.07 16.21 -2.10
CA LEU A 281 1.82 17.43 -2.87
C LEU A 281 3.11 17.98 -3.47
N ARG A 282 4.16 18.02 -2.66
CA ARG A 282 5.45 18.50 -3.14
C ARG A 282 6.00 17.60 -4.25
N TRP A 283 5.79 16.30 -4.10
CA TRP A 283 6.29 15.33 -5.07
C TRP A 283 5.57 15.42 -6.43
N PHE A 284 4.25 15.50 -6.40
CA PHE A 284 3.47 15.66 -7.63
C PHE A 284 3.91 16.93 -8.35
N ARG A 285 4.15 17.98 -7.59
CA ARG A 285 4.63 19.27 -8.12
C ARG A 285 5.91 19.14 -8.95
N SER A 286 6.89 18.39 -8.43
CA SER A 286 8.18 18.26 -9.12
C SER A 286 8.24 17.14 -10.15
N THR A 287 7.35 16.14 -10.04
CA THR A 287 7.31 15.03 -10.99
C THR A 287 6.32 15.27 -12.12
N SER A 288 5.28 16.06 -11.87
CA SER A 288 4.21 16.29 -12.85
C SER A 288 3.85 17.76 -13.09
N GLY A 289 4.24 18.65 -12.18
CA GLY A 289 3.76 20.04 -12.19
C GLY A 289 4.86 21.05 -12.47
N PRO A 290 4.73 22.27 -11.91
CA PRO A 290 5.65 23.37 -12.24
C PRO A 290 7.03 23.24 -11.58
N GLY A 291 7.17 22.31 -10.64
CA GLY A 291 8.48 21.97 -10.10
C GLY A 291 9.37 21.28 -11.14
N MET A 292 8.73 20.73 -12.18
CA MET A 292 9.46 20.09 -13.27
C MET A 292 10.47 21.04 -13.94
N PRO A 293 11.44 20.48 -14.68
CA PRO A 293 12.35 21.29 -15.47
C PRO A 293 11.77 21.61 -16.85
N MET A 294 12.44 22.51 -17.57
CA MET A 294 11.97 22.96 -18.88
C MET A 294 13.13 23.54 -19.70
N ASN A 295 13.31 23.04 -20.92
CA ASN A 295 14.29 23.62 -21.83
C ASN A 295 13.71 24.88 -22.43
N TRP A 296 13.85 26.00 -21.71
CA TRP A 296 13.25 27.26 -22.16
C TRP A 296 13.84 27.71 -23.50
N PRO A 297 13.05 28.45 -24.30
CA PRO A 297 13.46 29.03 -25.58
C PRO A 297 14.88 29.57 -25.62
N GLN A 298 15.46 29.57 -26.81
CA GLN A 298 16.79 30.11 -27.04
C GLN A 298 17.00 30.21 -28.54
N PHE A 299 18.06 30.91 -28.96
CA PHE A 299 18.35 31.03 -30.39
C PHE A 299 18.66 29.63 -30.96
N GLU A 300 17.82 29.18 -31.89
CA GLU A 300 18.11 27.96 -32.66
C GLU A 300 18.77 28.36 -33.98
N GLU A 301 20.02 27.93 -34.15
CA GLU A 301 20.82 28.31 -35.30
C GLU A 301 20.54 27.36 -36.45
N TRP A 302 20.62 27.89 -37.68
CA TRP A 302 20.22 27.16 -38.89
C TRP A 302 20.99 25.85 -39.08
N ASN A 303 20.28 24.82 -39.57
CA ASN A 303 20.87 23.53 -39.86
C ASN A 303 21.16 23.39 -41.37
N PRO A 304 22.29 22.78 -41.75
CA PRO A 304 23.38 22.27 -40.92
C PRO A 304 24.42 23.35 -40.61
N THR B 13 9.19 18.31 -24.93
CA THR B 13 9.15 17.33 -23.80
C THR B 13 7.72 17.20 -23.29
N ASP B 14 7.56 16.30 -22.32
CA ASP B 14 6.33 16.14 -21.59
C ASP B 14 6.46 16.77 -20.19
N SER B 15 6.93 18.01 -20.13
CA SER B 15 6.99 18.73 -18.86
C SER B 15 5.74 19.58 -18.72
N PHE B 16 5.46 19.99 -17.48
CA PHE B 16 4.33 20.87 -17.18
C PHE B 16 4.37 22.14 -18.01
N TRP B 17 5.57 22.70 -18.17
CA TRP B 17 5.74 24.02 -18.80
C TRP B 17 5.54 24.03 -20.32
N GLU B 18 5.37 22.87 -20.93
CA GLU B 18 5.00 22.77 -22.33
C GLU B 18 3.53 23.16 -22.44
N VAL B 19 3.12 23.69 -23.59
CA VAL B 19 1.72 24.03 -23.79
C VAL B 19 0.85 22.77 -23.83
N GLY B 20 -0.04 22.65 -22.85
CA GLY B 20 -1.01 21.55 -22.82
C GLY B 20 -0.87 20.64 -21.62
N ASN B 21 0.36 20.43 -21.17
CA ASN B 21 0.65 19.45 -20.13
C ASN B 21 0.17 19.76 -18.71
N TYR B 22 -0.56 20.85 -18.52
CA TYR B 22 -1.32 21.04 -17.28
C TYR B 22 -2.43 19.98 -17.19
N LYS B 23 -2.88 19.48 -18.33
CA LYS B 23 -3.89 18.41 -18.36
C LYS B 23 -3.71 17.38 -17.27
N ARG B 24 -2.46 17.03 -16.96
CA ARG B 24 -2.16 16.09 -15.88
C ARG B 24 -2.69 16.56 -14.52
N THR B 25 -2.36 17.81 -14.16
CA THR B 25 -2.84 18.43 -12.91
C THR B 25 -4.37 18.55 -12.85
N VAL B 26 -5.00 18.72 -14.02
CA VAL B 26 -6.47 18.79 -14.13
C VAL B 26 -7.10 17.44 -13.87
N LYS B 27 -6.55 16.39 -14.48
CA LYS B 27 -7.12 15.04 -14.36
C LYS B 27 -7.04 14.53 -12.92
N ARG B 28 -5.96 14.89 -12.23
CA ARG B 28 -5.81 14.54 -10.84
C ARG B 28 -7.02 15.02 -10.04
N ILE B 29 -7.48 16.24 -10.35
CA ILE B 29 -8.73 16.77 -9.78
C ILE B 29 -9.90 15.83 -10.03
N ASP B 30 -10.01 15.34 -11.26
CA ASP B 30 -11.08 14.43 -11.65
C ASP B 30 -10.85 13.03 -11.08
N ASP B 31 -9.59 12.63 -10.94
CA ASP B 31 -9.22 11.31 -10.38
C ASP B 31 -9.62 11.17 -8.92
N GLY B 32 -9.39 12.23 -8.15
CA GLY B 32 -9.72 12.28 -6.73
C GLY B 32 -11.15 11.89 -6.40
N HIS B 33 -12.09 12.18 -7.32
CA HIS B 33 -13.49 11.77 -7.20
C HIS B 33 -13.64 10.25 -7.31
N ARG B 34 -12.89 9.64 -8.22
CA ARG B 34 -12.92 8.20 -8.38
C ARG B 34 -12.15 7.51 -7.24
N LEU B 35 -11.04 8.10 -6.81
CA LEU B 35 -10.35 7.61 -5.61
C LEU B 35 -11.31 7.47 -4.43
N CYS B 36 -12.35 8.30 -4.36
CA CYS B 36 -13.43 8.09 -3.39
C CYS B 36 -14.19 6.82 -3.73
N ASN B 37 -14.90 6.83 -4.86
CA ASN B 37 -15.64 5.65 -5.30
C ASN B 37 -14.91 4.33 -5.04
N ASP B 38 -13.59 4.33 -5.17
CA ASP B 38 -12.77 3.14 -4.88
C ASP B 38 -12.77 2.82 -3.38
N LEU B 39 -12.31 3.77 -2.56
CA LEU B 39 -12.29 3.59 -1.10
C LEU B 39 -13.68 3.26 -0.58
N MET B 40 -14.70 3.84 -1.22
CA MET B 40 -16.09 3.49 -0.94
C MET B 40 -16.24 1.99 -1.16
N SER B 41 -16.07 1.57 -2.40
CA SER B 41 -16.36 0.20 -2.81
C SER B 41 -15.46 -0.80 -2.06
N CYS B 42 -14.25 -0.37 -1.73
CA CYS B 42 -13.33 -1.21 -0.99
C CYS B 42 -13.87 -1.54 0.39
N VAL B 43 -14.20 -0.52 1.17
CA VAL B 43 -14.70 -0.74 2.53
C VAL B 43 -15.98 -1.57 2.48
N GLN B 44 -16.79 -1.34 1.44
CA GLN B 44 -18.03 -2.09 1.25
C GLN B 44 -17.72 -3.58 1.15
N GLU B 45 -16.69 -3.90 0.38
CA GLU B 45 -16.28 -5.29 0.21
C GLU B 45 -15.71 -5.87 1.50
N ARG B 46 -14.99 -5.06 2.27
CA ARG B 46 -14.44 -5.55 3.52
C ARG B 46 -15.55 -5.90 4.50
N ALA B 47 -16.54 -5.02 4.62
CA ALA B 47 -17.69 -5.25 5.50
C ALA B 47 -18.54 -6.44 5.02
N LYS B 48 -18.62 -6.63 3.72
CA LYS B 48 -19.41 -7.74 3.16
C LYS B 48 -18.77 -9.08 3.52
N ILE B 49 -17.44 -9.12 3.48
CA ILE B 49 -16.65 -10.28 3.94
C ILE B 49 -16.88 -10.51 5.42
N GLU B 50 -16.79 -9.43 6.20
CA GLU B 50 -16.98 -9.48 7.66
C GLU B 50 -18.32 -10.12 8.05
N LYS B 51 -19.40 -9.69 7.41
CA LYS B 51 -20.69 -10.34 7.61
C LYS B 51 -20.55 -11.86 7.46
N ALA B 52 -19.95 -12.30 6.36
CA ALA B 52 -19.83 -13.73 6.06
C ALA B 52 -19.31 -14.51 7.26
N TYR B 53 -18.24 -14.04 7.86
CA TYR B 53 -17.64 -14.75 9.00
C TYR B 53 -18.60 -14.75 10.18
N ALA B 54 -19.24 -13.61 10.43
CA ALA B 54 -20.30 -13.54 11.44
C ALA B 54 -21.36 -14.60 11.18
N GLN B 55 -21.81 -14.69 9.94
CA GLN B 55 -22.84 -15.66 9.57
C GLN B 55 -22.38 -17.11 9.77
N GLN B 56 -21.26 -17.45 9.13
CA GLN B 56 -20.68 -18.79 9.26
C GLN B 56 -20.64 -19.17 10.74
N LEU B 57 -20.15 -18.24 11.57
CA LEU B 57 -20.00 -18.48 13.00
C LEU B 57 -21.34 -18.66 13.68
N THR B 58 -22.33 -17.88 13.27
CA THR B 58 -23.68 -17.93 13.87
C THR B 58 -24.42 -19.25 13.59
N ASP B 59 -24.26 -19.76 12.38
CA ASP B 59 -24.88 -21.01 11.97
C ASP B 59 -24.20 -22.19 12.66
N TRP B 60 -22.88 -22.24 12.59
CA TRP B 60 -22.11 -23.24 13.33
C TRP B 60 -22.61 -23.32 14.76
N ALA B 61 -22.73 -22.16 15.42
CA ALA B 61 -23.18 -22.11 16.81
C ALA B 61 -24.57 -22.70 16.97
N LYS B 62 -25.47 -22.38 16.06
CA LYS B 62 -26.86 -22.84 16.17
C LYS B 62 -26.99 -24.34 15.87
N ARG B 63 -26.07 -24.88 15.07
CA ARG B 63 -26.11 -26.29 14.69
C ARG B 63 -25.66 -27.22 15.82
N TRP B 64 -24.61 -26.82 16.52
CA TRP B 64 -24.04 -27.65 17.57
C TRP B 64 -24.73 -27.46 18.92
N ARG B 65 -25.26 -26.27 19.18
CA ARG B 65 -26.22 -26.11 20.29
C ARG B 65 -27.33 -27.13 20.13
N GLN B 66 -27.75 -27.36 18.88
CA GLN B 66 -28.77 -28.34 18.60
C GLN B 66 -28.19 -29.72 18.86
N LEU B 67 -27.17 -30.10 18.09
CA LEU B 67 -26.57 -31.44 18.21
C LEU B 67 -26.19 -31.82 19.66
N ILE B 68 -25.48 -30.93 20.34
CA ILE B 68 -25.00 -31.20 21.70
C ILE B 68 -26.19 -31.33 22.66
N GLU B 69 -27.13 -30.40 22.57
CA GLU B 69 -28.28 -30.34 23.50
C GLU B 69 -29.44 -31.28 23.12
N LYS B 70 -29.19 -32.21 22.19
CA LYS B 70 -30.14 -33.30 21.97
C LYS B 70 -29.68 -34.48 22.78
N GLY B 71 -28.57 -35.10 22.37
CA GLY B 71 -28.02 -36.18 23.15
C GLY B 71 -26.61 -36.50 22.70
N PRO B 72 -25.94 -37.43 23.41
CA PRO B 72 -26.34 -38.01 24.68
C PRO B 72 -25.66 -37.34 25.89
N GLN B 73 -24.78 -36.36 25.63
CA GLN B 73 -23.90 -35.76 26.65
C GLN B 73 -24.67 -35.07 27.78
N TYR B 74 -24.20 -35.31 29.00
CA TYR B 74 -24.87 -34.90 30.22
C TYR B 74 -23.95 -34.00 31.04
N GLY B 75 -24.52 -32.93 31.58
CA GLY B 75 -23.84 -32.11 32.58
C GLY B 75 -22.50 -31.53 32.16
N SER B 76 -21.73 -31.09 33.14
CA SER B 76 -20.53 -30.27 32.94
C SER B 76 -19.95 -30.29 31.52
N LEU B 77 -19.42 -31.42 31.09
CA LEU B 77 -18.68 -31.49 29.82
C LEU B 77 -19.51 -30.97 28.65
N GLU B 78 -20.77 -31.40 28.55
CA GLU B 78 -21.71 -30.78 27.60
C GLU B 78 -21.60 -29.27 27.69
N ARG B 79 -21.84 -28.74 28.89
CA ARG B 79 -21.95 -27.30 29.09
C ARG B 79 -20.67 -26.56 28.69
N ALA B 80 -19.52 -27.19 28.93
CA ALA B 80 -18.22 -26.62 28.55
C ALA B 80 -18.13 -26.54 27.03
N TRP B 81 -18.32 -27.70 26.40
CA TRP B 81 -18.45 -27.80 24.96
C TRP B 81 -19.54 -26.85 24.44
N GLY B 82 -20.61 -26.72 25.20
CA GLY B 82 -21.67 -25.78 24.86
C GLY B 82 -21.16 -24.36 24.78
N ALA B 83 -20.32 -23.99 25.73
CA ALA B 83 -19.73 -22.65 25.74
C ALA B 83 -19.05 -22.34 24.40
N MET B 84 -18.42 -23.36 23.80
CA MET B 84 -17.80 -23.23 22.48
C MET B 84 -18.75 -22.55 21.50
N MET B 85 -20.04 -22.82 21.62
CA MET B 85 -21.07 -22.12 20.84
C MET B 85 -21.15 -20.63 21.25
N THR B 86 -21.08 -20.35 22.55
CA THR B 86 -21.23 -18.96 23.04
C THR B 86 -20.26 -18.00 22.37
N GLU B 87 -18.98 -18.38 22.28
CA GLU B 87 -18.00 -17.49 21.66
C GLU B 87 -18.35 -17.30 20.19
N ALA B 88 -18.61 -18.41 19.51
CA ALA B 88 -18.98 -18.35 18.09
C ALA B 88 -20.17 -17.40 17.86
N ASP B 89 -21.09 -17.37 18.82
CA ASP B 89 -22.21 -16.44 18.77
C ASP B 89 -21.77 -15.01 19.04
N LYS B 90 -20.85 -14.82 19.99
CA LYS B 90 -20.47 -13.46 20.40
C LYS B 90 -19.57 -12.79 19.36
N VAL B 91 -18.53 -13.50 18.92
CA VAL B 91 -17.60 -12.94 17.94
C VAL B 91 -18.36 -12.57 16.67
N SER B 92 -19.31 -13.42 16.27
CA SER B 92 -20.22 -13.09 15.16
C SER B 92 -20.79 -11.68 15.31
N GLU B 93 -21.50 -11.45 16.41
CA GLU B 93 -21.98 -10.12 16.77
C GLU B 93 -20.82 -9.13 16.74
N LEU B 94 -19.66 -9.52 17.24
CA LEU B 94 -18.53 -8.62 17.29
C LEU B 94 -18.10 -8.20 15.88
N HIS B 95 -18.08 -9.14 14.94
CA HIS B 95 -17.76 -8.83 13.54
C HIS B 95 -18.88 -8.09 12.81
N GLN B 96 -20.13 -8.27 13.26
CA GLN B 96 -21.25 -7.51 12.72
C GLN B 96 -21.17 -6.06 13.13
N GLU B 97 -20.54 -5.80 14.28
CA GLU B 97 -20.26 -4.43 14.69
C GLU B 97 -19.24 -3.87 13.72
N VAL B 98 -18.21 -4.67 13.41
CA VAL B 98 -17.20 -4.27 12.44
C VAL B 98 -17.83 -4.02 11.07
N LYS B 99 -18.87 -4.79 10.73
CA LYS B 99 -19.60 -4.57 9.48
C LYS B 99 -20.27 -3.20 9.50
N ASN B 100 -21.21 -3.00 10.43
CA ASN B 100 -22.01 -1.77 10.50
C ASN B 100 -21.17 -0.49 10.51
N SER B 101 -20.23 -0.41 11.45
CA SER B 101 -19.42 0.79 11.59
C SER B 101 -18.35 0.91 10.50
N LEU B 102 -18.45 0.04 9.50
CA LEU B 102 -17.66 0.15 8.27
C LEU B 102 -18.56 0.69 7.14
N LEU B 103 -19.83 0.29 7.16
CA LEU B 103 -20.84 0.69 6.19
C LEU B 103 -21.58 1.96 6.64
N ASN B 104 -22.15 1.89 7.84
CA ASN B 104 -22.97 2.97 8.37
C ASN B 104 -22.16 4.20 8.71
N GLU B 105 -20.90 4.01 9.09
CA GLU B 105 -20.08 5.11 9.58
C GLU B 105 -18.97 5.50 8.61
N ASP B 106 -18.05 4.58 8.34
CA ASP B 106 -16.85 4.91 7.56
C ASP B 106 -17.18 5.21 6.10
N LEU B 107 -17.89 4.30 5.44
CA LEU B 107 -18.28 4.52 4.04
C LEU B 107 -19.00 5.87 3.87
N GLU B 108 -20.06 6.06 4.64
CA GLU B 108 -20.90 7.26 4.52
C GLU B 108 -20.12 8.57 4.74
N LYS B 109 -19.05 8.52 5.55
CA LYS B 109 -18.21 9.68 5.74
C LYS B 109 -17.61 10.10 4.40
N VAL B 110 -17.05 9.12 3.68
CA VAL B 110 -16.44 9.36 2.37
C VAL B 110 -17.49 9.80 1.35
N LYS B 111 -18.69 9.21 1.40
CA LYS B 111 -19.76 9.54 0.46
C LYS B 111 -20.21 10.99 0.62
N ASN B 112 -20.40 11.41 1.87
CA ASN B 112 -20.82 12.77 2.14
C ASN B 112 -19.78 13.81 1.73
N TRP B 113 -18.54 13.60 2.13
CA TRP B 113 -17.43 14.46 1.72
C TRP B 113 -17.34 14.59 0.20
N GLN B 114 -17.64 13.50 -0.50
CA GLN B 114 -17.53 13.44 -1.95
C GLN B 114 -18.60 14.28 -2.64
N LYS B 115 -19.79 14.38 -2.07
CA LYS B 115 -20.78 15.30 -2.63
C LYS B 115 -20.56 16.73 -2.12
N ASP B 116 -19.96 16.87 -0.94
CA ASP B 116 -19.54 18.18 -0.43
C ASP B 116 -18.39 18.77 -1.24
N ALA B 117 -17.45 17.93 -1.67
CA ALA B 117 -16.25 18.39 -2.39
C ALA B 117 -16.46 18.57 -3.89
N TYR B 118 -17.10 17.59 -4.52
CA TYR B 118 -17.28 17.58 -5.97
C TYR B 118 -18.72 17.91 -6.38
N HIS B 119 -18.85 18.68 -7.46
CA HIS B 119 -20.15 19.10 -7.96
C HIS B 119 -20.21 18.98 -9.49
N LYS B 120 -21.13 18.14 -9.96
CA LYS B 120 -21.26 17.86 -11.39
C LYS B 120 -21.96 19.02 -12.07
N GLN B 121 -21.77 19.17 -13.37
CA GLN B 121 -22.43 20.22 -14.13
C GLN B 121 -23.36 19.61 -15.17
N ILE B 122 -24.13 20.45 -15.84
CA ILE B 122 -25.16 19.98 -16.77
C ILE B 122 -24.59 19.30 -18.02
N MET B 123 -23.39 18.72 -17.94
CA MET B 123 -22.85 17.90 -19.03
C MET B 123 -21.80 16.87 -18.56
N GLY B 124 -22.05 16.27 -17.40
CA GLY B 124 -21.15 15.24 -16.87
C GLY B 124 -20.00 15.77 -16.02
N GLY B 125 -19.16 16.61 -16.61
CA GLY B 125 -17.94 17.10 -15.95
C GLY B 125 -18.12 17.77 -14.60
N PHE B 126 -17.09 17.69 -13.76
CA PHE B 126 -17.09 18.33 -12.45
C PHE B 126 -16.66 19.78 -12.55
N LYS B 127 -17.49 20.67 -12.04
CA LYS B 127 -17.19 22.11 -11.94
C LYS B 127 -15.75 22.37 -11.50
N GLU B 128 -15.32 21.61 -10.51
CA GLU B 128 -13.97 21.75 -9.95
C GLU B 128 -12.89 21.46 -11.00
N THR B 129 -13.19 20.53 -11.92
CA THR B 129 -12.27 20.14 -12.99
C THR B 129 -12.31 21.14 -14.17
N LYS B 130 -13.47 21.74 -14.43
CA LYS B 130 -13.54 22.81 -15.44
C LYS B 130 -12.76 24.05 -14.96
N GLU B 131 -13.04 24.48 -13.74
CA GLU B 131 -12.47 25.73 -13.22
C GLU B 131 -10.95 25.78 -13.21
N ALA B 132 -10.31 24.62 -13.06
CA ALA B 132 -8.85 24.50 -13.18
C ALA B 132 -8.42 24.51 -14.64
N GLU B 133 -9.22 23.88 -15.51
CA GLU B 133 -8.97 23.90 -16.95
C GLU B 133 -9.09 25.30 -17.52
N ASP B 134 -10.18 25.97 -17.21
CA ASP B 134 -10.42 27.33 -17.69
C ASP B 134 -9.34 28.26 -17.16
N GLY B 135 -9.02 28.12 -15.88
CA GLY B 135 -7.97 28.92 -15.25
C GLY B 135 -6.60 28.69 -15.85
N PHE B 136 -6.26 27.42 -16.08
CA PHE B 136 -4.98 27.07 -16.73
C PHE B 136 -4.91 27.60 -18.14
N ARG B 137 -6.05 27.56 -18.85
CA ARG B 137 -6.13 28.10 -20.20
C ARG B 137 -5.90 29.60 -20.19
N LYS B 138 -6.57 30.28 -19.28
CA LYS B 138 -6.47 31.74 -19.20
C LYS B 138 -5.01 32.14 -18.99
N ALA B 139 -4.36 31.51 -18.02
CA ALA B 139 -2.96 31.80 -17.70
C ALA B 139 -2.00 31.41 -18.83
N GLN B 140 -2.43 30.55 -19.75
CA GLN B 140 -1.56 30.07 -20.84
C GLN B 140 -1.82 30.76 -22.16
N LYS B 141 -3.02 31.31 -22.34
CA LYS B 141 -3.45 31.90 -23.63
C LYS B 141 -2.39 32.74 -24.38
N PRO B 142 -1.68 33.64 -23.68
CA PRO B 142 -0.68 34.48 -24.37
C PRO B 142 0.65 33.78 -24.67
N TRP B 143 1.22 33.09 -23.69
CA TRP B 143 2.41 32.28 -23.91
C TRP B 143 2.14 31.26 -25.02
N ALA B 144 0.92 30.73 -25.07
CA ALA B 144 0.50 29.91 -26.19
C ALA B 144 0.81 30.64 -27.47
N LYS B 145 0.36 31.90 -27.55
CA LYS B 145 0.52 32.73 -28.77
C LYS B 145 1.96 32.95 -29.18
N LYS B 146 2.80 33.31 -28.22
CA LYS B 146 4.23 33.51 -28.48
C LYS B 146 4.86 32.29 -29.17
N MET B 147 4.48 31.09 -28.76
CA MET B 147 5.16 29.88 -29.23
C MET B 147 4.87 29.56 -30.70
N LYS B 148 3.63 29.72 -31.14
CA LYS B 148 3.30 29.63 -32.57
C LYS B 148 3.94 30.81 -33.33
N GLU B 149 4.01 31.95 -32.65
CA GLU B 149 4.61 33.17 -33.18
C GLU B 149 6.13 33.15 -33.11
N LEU B 150 6.69 32.33 -32.22
CA LEU B 150 8.12 32.08 -32.15
C LEU B 150 8.50 31.16 -33.30
N GLU B 151 7.76 30.06 -33.45
CA GLU B 151 8.04 29.09 -34.52
C GLU B 151 7.72 29.68 -35.89
N ALA B 152 6.86 30.69 -35.91
CA ALA B 152 6.59 31.46 -37.13
C ALA B 152 7.84 32.18 -37.66
N ALA B 153 8.71 32.63 -36.74
CA ALA B 153 9.95 33.32 -37.10
C ALA B 153 11.14 32.37 -37.22
N LYS B 154 11.10 31.26 -36.49
CA LYS B 154 12.11 30.21 -36.59
C LYS B 154 12.01 29.54 -37.96
N LYS B 155 10.81 29.11 -38.31
CA LYS B 155 10.55 28.56 -39.64
C LYS B 155 10.90 29.57 -40.72
N ALA B 156 10.63 30.85 -40.45
CA ALA B 156 10.91 31.94 -41.41
C ALA B 156 12.42 32.18 -41.62
N TYR B 157 13.18 32.13 -40.53
CA TYR B 157 14.64 32.33 -40.57
C TYR B 157 15.36 31.07 -41.06
N HIS B 158 14.90 29.89 -40.63
CA HIS B 158 15.39 28.61 -41.16
C HIS B 158 15.10 28.45 -42.66
N LEU B 159 14.09 29.16 -43.17
CA LEU B 159 13.79 29.15 -44.61
C LEU B 159 14.75 30.07 -45.36
N ALA B 160 14.94 31.29 -44.85
CA ALA B 160 15.82 32.27 -45.50
C ALA B 160 17.28 31.81 -45.56
N CYS B 161 17.74 31.11 -44.53
CA CYS B 161 19.11 30.62 -44.46
C CYS B 161 19.37 29.41 -45.36
N LYS B 162 18.30 28.75 -45.80
CA LYS B 162 18.39 27.75 -46.86
C LYS B 162 18.32 28.43 -48.23
N GLU B 163 17.50 29.47 -48.33
CA GLU B 163 17.29 30.23 -49.56
C GLU B 163 18.61 30.84 -50.07
N GLU B 164 19.47 31.23 -49.13
CA GLU B 164 20.79 31.80 -49.46
C GLU B 164 21.86 30.72 -49.62
N ARG B 165 21.67 29.57 -48.99
CA ARG B 165 22.61 28.47 -49.11
C ARG B 165 22.71 27.99 -50.55
N LEU B 166 21.58 27.59 -51.13
CA LEU B 166 21.54 27.16 -52.54
C LEU B 166 21.86 28.34 -53.46
N ALA B 167 21.50 29.54 -53.03
CA ALA B 167 21.79 30.77 -53.78
C ALA B 167 23.27 31.16 -53.82
N MET B 168 24.11 30.43 -53.07
CA MET B 168 25.56 30.62 -53.14
C MET B 168 26.24 29.59 -54.06
N THR B 169 25.47 28.71 -54.69
CA THR B 169 26.02 27.72 -55.63
C THR B 169 26.33 28.39 -56.97
N LEU B 188 22.35 37.99 -61.46
CA LEU B 188 23.09 36.77 -61.00
C LEU B 188 23.67 36.94 -59.58
N VAL B 189 24.29 38.11 -59.35
CA VAL B 189 25.03 38.38 -58.12
C VAL B 189 24.11 38.63 -56.94
N ASP B 190 22.85 38.98 -57.22
CA ASP B 190 21.87 39.28 -56.17
C ASP B 190 21.15 38.03 -55.66
N LYS B 191 21.69 36.86 -55.99
CA LYS B 191 21.30 35.59 -55.34
C LYS B 191 21.85 35.52 -53.91
N VAL B 192 23.00 36.16 -53.69
CA VAL B 192 23.55 36.36 -52.33
C VAL B 192 23.64 37.87 -52.07
N ASP B 193 22.50 38.55 -52.20
CA ASP B 193 22.36 39.96 -51.87
C ASP B 193 20.87 40.32 -51.66
N LYS B 194 20.06 40.04 -52.67
CA LYS B 194 18.60 40.12 -52.55
C LYS B 194 18.11 39.08 -51.53
N CYS B 195 18.85 37.98 -51.45
CA CYS B 195 18.61 36.89 -50.51
C CYS B 195 19.36 37.12 -49.18
N ARG B 196 20.56 37.68 -49.28
CA ARG B 196 21.37 38.03 -48.11
C ARG B 196 20.65 39.02 -47.20
N GLN B 197 20.02 40.02 -47.82
CA GLN B 197 19.20 41.01 -47.12
C GLN B 197 17.95 40.37 -46.51
N ASP B 198 17.47 39.30 -47.15
CA ASP B 198 16.29 38.56 -46.69
C ASP B 198 16.56 37.73 -45.42
N VAL B 199 17.80 37.25 -45.28
CA VAL B 199 18.18 36.40 -44.17
C VAL B 199 18.52 37.19 -42.89
N GLN B 200 18.85 38.46 -43.04
CA GLN B 200 19.15 39.31 -41.88
C GLN B 200 17.89 39.94 -41.27
N LYS B 201 16.91 40.24 -42.12
CA LYS B 201 15.67 40.85 -41.65
C LYS B 201 14.67 39.79 -41.18
N THR B 202 14.98 38.52 -41.43
CA THR B 202 14.25 37.37 -40.86
C THR B 202 14.86 36.95 -39.51
N GLN B 203 16.12 37.32 -39.30
CA GLN B 203 16.81 37.12 -38.03
C GLN B 203 16.45 38.27 -37.09
N GLU B 204 16.03 39.41 -37.64
CA GLU B 204 15.55 40.54 -36.83
C GLU B 204 14.16 40.26 -36.25
N LYS B 205 13.36 39.50 -36.98
CA LYS B 205 12.03 39.08 -36.50
C LYS B 205 12.15 37.92 -35.51
N TYR B 206 13.10 37.02 -35.75
CA TYR B 206 13.33 35.88 -34.86
C TYR B 206 13.86 36.33 -33.49
N GLU B 207 14.92 37.14 -33.50
CA GLU B 207 15.56 37.63 -32.27
C GLU B 207 14.64 38.53 -31.43
N LYS B 208 13.90 39.40 -32.11
CA LYS B 208 12.98 40.36 -31.49
C LYS B 208 11.79 39.66 -30.83
N VAL B 209 11.25 38.67 -31.52
CA VAL B 209 10.21 37.78 -30.99
C VAL B 209 10.78 36.96 -29.84
N LEU B 210 11.92 36.34 -30.08
CA LEU B 210 12.63 35.53 -29.08
C LEU B 210 12.92 36.31 -27.78
N GLU B 211 13.23 37.60 -27.93
CA GLU B 211 13.46 38.49 -26.78
C GLU B 211 12.20 38.64 -25.95
N ASP B 212 11.10 38.98 -26.62
CA ASP B 212 9.82 39.21 -25.95
C ASP B 212 9.26 37.94 -25.28
N VAL B 213 9.55 36.78 -25.86
CA VAL B 213 9.16 35.50 -25.27
C VAL B 213 9.72 35.38 -23.85
N GLY B 214 10.95 35.85 -23.67
CA GLY B 214 11.63 35.80 -22.37
C GLY B 214 11.22 36.87 -21.36
N LYS B 215 10.85 38.04 -21.88
CA LYS B 215 10.37 39.12 -21.02
C LYS B 215 9.01 38.76 -20.41
N THR B 216 8.20 38.04 -21.18
CA THR B 216 6.87 37.61 -20.74
C THR B 216 6.88 36.35 -19.86
N THR B 217 8.02 35.66 -19.80
CA THR B 217 8.13 34.36 -19.07
C THR B 217 7.70 34.41 -17.60
N PRO B 218 8.20 35.40 -16.84
CA PRO B 218 7.89 35.43 -15.40
C PRO B 218 6.38 35.53 -15.13
N GLN B 219 5.71 36.44 -15.81
CA GLN B 219 4.26 36.51 -15.74
C GLN B 219 3.63 35.16 -16.11
N TYR B 220 4.25 34.42 -17.03
CA TYR B 220 3.73 33.11 -17.45
C TYR B 220 3.77 32.09 -16.31
N MET B 221 4.93 31.96 -15.68
CA MET B 221 5.08 31.03 -14.57
C MET B 221 4.17 31.43 -13.43
N GLU B 222 4.31 32.68 -12.98
CA GLU B 222 3.53 33.22 -11.87
C GLU B 222 2.05 32.90 -12.09
N GLY B 223 1.57 33.13 -13.31
CA GLY B 223 0.19 32.84 -13.69
C GLY B 223 -0.19 31.38 -13.61
N MET B 224 0.73 30.50 -14.01
CA MET B 224 0.49 29.05 -13.92
C MET B 224 0.64 28.59 -12.48
N GLU B 225 1.71 29.04 -11.82
CA GLU B 225 1.90 28.77 -10.39
C GLU B 225 0.65 29.08 -9.58
N GLN B 226 0.03 30.23 -9.87
CA GLN B 226 -1.14 30.68 -9.11
C GLN B 226 -2.39 29.82 -9.39
N VAL B 227 -2.51 29.26 -10.59
CA VAL B 227 -3.60 28.32 -10.87
C VAL B 227 -3.28 26.99 -10.20
N PHE B 228 -2.10 26.45 -10.49
CA PHE B 228 -1.64 25.17 -9.93
C PHE B 228 -1.85 25.09 -8.43
N GLU B 229 -1.46 26.15 -7.73
CA GLU B 229 -1.62 26.23 -6.27
C GLU B 229 -3.05 25.90 -5.80
N GLN B 230 -4.05 26.50 -6.42
CA GLN B 230 -5.45 26.22 -6.08
C GLN B 230 -5.76 24.71 -6.17
N CYS B 231 -5.09 24.00 -7.07
CA CYS B 231 -5.28 22.55 -7.20
C CYS B 231 -4.63 21.80 -6.06
N GLN B 232 -3.42 22.23 -5.70
CA GLN B 232 -2.71 21.66 -4.56
C GLN B 232 -3.58 21.80 -3.30
N GLN B 233 -4.27 22.93 -3.17
CA GLN B 233 -5.11 23.20 -2.02
C GLN B 233 -6.29 22.24 -1.94
N PHE B 234 -6.99 22.05 -3.06
CA PHE B 234 -8.16 21.18 -3.10
C PHE B 234 -7.77 19.70 -3.01
N GLU B 235 -6.62 19.37 -3.63
CA GLU B 235 -6.03 18.03 -3.55
C GLU B 235 -5.56 17.69 -2.13
N GLU B 236 -5.08 18.69 -1.40
CA GLU B 236 -4.70 18.52 0.00
C GLU B 236 -5.93 18.17 0.83
N LYS B 237 -7.00 18.92 0.61
CA LYS B 237 -8.26 18.68 1.29
C LYS B 237 -8.67 17.21 1.24
N ARG B 238 -8.37 16.54 0.12
CA ARG B 238 -8.65 15.11 -0.01
C ARG B 238 -7.67 14.25 0.79
N LEU B 239 -6.37 14.60 0.76
CA LEU B 239 -5.35 13.80 1.44
C LEU B 239 -5.52 13.83 2.96
N VAL B 240 -5.71 15.03 3.51
CA VAL B 240 -6.01 15.16 4.94
C VAL B 240 -7.27 14.37 5.32
N PHE B 241 -8.30 14.46 4.48
CA PHE B 241 -9.55 13.72 4.70
C PHE B 241 -9.33 12.21 4.56
N LEU B 242 -8.61 11.81 3.52
CA LEU B 242 -8.34 10.41 3.30
C LEU B 242 -7.63 9.79 4.51
N LYS B 243 -6.58 10.46 5.01
CA LYS B 243 -5.78 9.97 6.14
C LYS B 243 -6.58 9.78 7.42
N GLU B 244 -7.55 10.68 7.63
CA GLU B 244 -8.44 10.61 8.78
C GLU B 244 -9.41 9.43 8.66
N VAL B 245 -9.81 9.10 7.43
CA VAL B 245 -10.74 7.99 7.19
C VAL B 245 -10.04 6.62 7.23
N LEU B 246 -8.77 6.56 6.82
CA LEU B 246 -7.95 5.35 6.99
C LEU B 246 -7.68 5.07 8.46
N LEU B 247 -7.53 6.14 9.25
CA LEU B 247 -7.43 6.01 10.70
C LEU B 247 -8.75 5.51 11.30
N ASP B 248 -9.86 6.17 10.96
CA ASP B 248 -11.18 5.77 11.44
C ASP B 248 -11.40 4.27 11.16
N ILE B 249 -11.00 3.84 9.97
CA ILE B 249 -11.16 2.44 9.55
C ILE B 249 -10.27 1.49 10.35
N LYS B 250 -9.03 1.89 10.64
CA LYS B 250 -8.15 1.05 11.45
C LYS B 250 -8.83 0.74 12.75
N ARG B 251 -9.24 1.79 13.46
CA ARG B 251 -9.86 1.66 14.77
C ARG B 251 -11.06 0.72 14.71
N HIS B 252 -11.89 0.89 13.68
CA HIS B 252 -13.09 0.08 13.51
C HIS B 252 -12.80 -1.39 13.20
N LEU B 253 -11.62 -1.68 12.67
CA LEU B 253 -11.27 -3.06 12.33
C LEU B 253 -10.59 -3.79 13.50
N ASN B 254 -10.02 -3.01 14.43
CA ASN B 254 -9.04 -3.50 15.40
C ASN B 254 -9.67 -4.30 16.54
N LEU B 255 -10.03 -5.55 16.28
CA LEU B 255 -10.65 -6.33 17.34
C LEU B 255 -9.65 -6.72 18.41
N ALA B 256 -8.35 -6.61 18.14
CA ALA B 256 -7.33 -7.03 19.11
C ALA B 256 -7.43 -6.29 20.44
N GLU B 257 -7.55 -4.95 20.36
CA GLU B 257 -7.64 -4.09 21.55
C GLU B 257 -9.05 -4.01 22.17
N ASN B 258 -10.01 -4.71 21.56
CA ASN B 258 -11.38 -4.76 22.05
C ASN B 258 -11.47 -5.58 23.33
N SER B 259 -12.11 -5.00 24.35
CA SER B 259 -12.27 -5.65 25.65
C SER B 259 -13.34 -6.72 25.57
N SER B 260 -14.44 -6.41 24.91
CA SER B 260 -15.52 -7.38 24.73
C SER B 260 -15.02 -8.68 24.06
N TYR B 261 -14.00 -8.57 23.22
CA TYR B 261 -13.40 -9.75 22.60
C TYR B 261 -12.60 -10.54 23.63
N MET B 262 -11.66 -9.88 24.31
CA MET B 262 -10.88 -10.45 25.42
C MET B 262 -11.75 -11.24 26.40
N HIS B 263 -12.90 -10.66 26.71
CA HIS B 263 -13.86 -11.24 27.64
C HIS B 263 -14.49 -12.52 27.12
N VAL B 264 -14.84 -12.54 25.83
CA VAL B 264 -15.41 -13.74 25.21
C VAL B 264 -14.58 -14.99 25.52
N TYR B 265 -13.26 -14.86 25.43
CA TYR B 265 -12.38 -16.01 25.59
C TYR B 265 -11.91 -16.20 27.03
N ARG B 266 -11.88 -15.14 27.83
CA ARG B 266 -11.67 -15.30 29.27
C ARG B 266 -12.85 -16.05 29.89
N GLU B 267 -14.03 -15.80 29.32
CA GLU B 267 -15.29 -16.42 29.75
C GLU B 267 -15.35 -17.89 29.33
N LEU B 268 -14.95 -18.15 28.09
CA LEU B 268 -14.95 -19.52 27.55
C LEU B 268 -13.96 -20.41 28.32
N GLU B 269 -12.90 -19.81 28.86
CA GLU B 269 -11.94 -20.55 29.67
C GLU B 269 -12.59 -21.01 30.96
N GLN B 270 -13.34 -20.13 31.61
CA GLN B 270 -14.09 -20.51 32.81
C GLN B 270 -14.98 -21.69 32.48
N ALA B 271 -15.95 -21.47 31.60
CA ALA B 271 -16.93 -22.49 31.27
C ALA B 271 -16.26 -23.87 31.22
N ILE B 272 -15.15 -23.97 30.50
CA ILE B 272 -14.40 -25.22 30.39
C ILE B 272 -13.83 -25.62 31.75
N ARG B 273 -13.00 -24.77 32.34
CA ARG B 273 -12.37 -25.04 33.65
C ARG B 273 -13.38 -25.43 34.73
N GLY B 274 -14.59 -24.88 34.63
CA GLY B 274 -15.67 -25.19 35.57
C GLY B 274 -16.15 -26.64 35.48
N ALA B 275 -15.94 -27.29 34.35
CA ALA B 275 -16.37 -28.66 34.17
C ALA B 275 -15.74 -29.51 35.26
N ASP B 276 -16.58 -30.23 36.01
CA ASP B 276 -16.11 -31.13 37.05
C ASP B 276 -16.33 -32.57 36.58
N ALA B 277 -15.25 -33.34 36.62
CA ALA B 277 -15.28 -34.73 36.17
C ALA B 277 -16.16 -35.55 37.11
N GLN B 278 -15.76 -35.59 38.38
CA GLN B 278 -16.40 -36.47 39.37
C GLN B 278 -17.85 -36.06 39.60
N GLU B 279 -18.08 -34.77 39.84
CA GLU B 279 -19.43 -34.27 40.07
C GLU B 279 -20.41 -35.03 39.20
N ASP B 280 -20.10 -35.13 37.91
CA ASP B 280 -20.98 -35.80 36.95
C ASP B 280 -21.00 -37.31 37.14
N LEU B 281 -19.85 -37.88 37.50
CA LEU B 281 -19.72 -39.33 37.76
C LEU B 281 -20.51 -39.78 38.99
N ARG B 282 -20.57 -38.92 40.01
CA ARG B 282 -21.39 -39.17 41.18
C ARG B 282 -22.87 -39.11 40.80
N TRP B 283 -23.22 -38.12 40.00
CA TRP B 283 -24.58 -38.00 39.53
C TRP B 283 -25.02 -39.27 38.80
N PHE B 284 -24.10 -39.94 38.11
CA PHE B 284 -24.45 -41.18 37.42
C PHE B 284 -24.68 -42.32 38.41
N ARG B 285 -23.74 -42.54 39.32
CA ARG B 285 -23.89 -43.61 40.30
C ARG B 285 -25.27 -43.59 40.97
N SER B 286 -25.76 -42.41 41.33
CA SER B 286 -27.05 -42.28 42.01
C SER B 286 -28.27 -42.24 41.08
N THR B 287 -28.15 -41.63 39.90
CA THR B 287 -29.29 -41.55 38.99
C THR B 287 -29.48 -42.82 38.16
N SER B 288 -28.38 -43.44 37.74
CA SER B 288 -28.44 -44.59 36.82
C SER B 288 -27.80 -45.86 37.36
N GLY B 289 -27.09 -45.75 38.48
CA GLY B 289 -26.21 -46.83 38.92
C GLY B 289 -26.48 -47.34 40.33
N PRO B 290 -25.48 -48.01 40.93
CA PRO B 290 -25.49 -48.53 42.31
C PRO B 290 -26.13 -47.65 43.38
N GLY B 291 -26.20 -46.35 43.16
CA GLY B 291 -26.83 -45.44 44.11
C GLY B 291 -28.34 -45.52 44.12
N MET B 292 -28.93 -46.02 43.04
CA MET B 292 -30.39 -46.11 42.92
C MET B 292 -30.95 -47.08 43.93
N PRO B 293 -32.17 -46.80 44.42
CA PRO B 293 -32.77 -47.63 45.44
C PRO B 293 -33.35 -48.90 44.85
N MET B 294 -33.49 -49.93 45.68
CA MET B 294 -34.03 -51.22 45.25
C MET B 294 -34.93 -51.80 46.33
N ASN B 295 -36.14 -52.20 45.93
CA ASN B 295 -37.04 -52.95 46.81
C ASN B 295 -36.58 -54.40 46.87
N TRP B 296 -35.65 -54.67 47.78
CA TRP B 296 -35.04 -55.99 47.89
C TRP B 296 -36.06 -57.03 48.35
N PRO B 297 -35.88 -58.29 47.92
CA PRO B 297 -36.93 -59.28 48.16
C PRO B 297 -37.23 -59.48 49.65
N GLN B 298 -38.51 -59.64 49.95
CA GLN B 298 -38.95 -60.01 51.28
C GLN B 298 -40.12 -60.97 51.16
N PHE B 299 -40.39 -61.70 52.24
CA PHE B 299 -41.52 -62.63 52.30
C PHE B 299 -42.82 -61.87 52.00
N GLU B 300 -43.67 -62.43 51.13
CA GLU B 300 -44.94 -61.81 50.79
C GLU B 300 -46.06 -62.74 51.20
N GLU B 301 -46.71 -62.40 52.31
CA GLU B 301 -47.93 -63.07 52.73
C GLU B 301 -49.00 -62.95 51.63
N TRP B 302 -49.87 -63.96 51.55
CA TRP B 302 -50.92 -64.00 50.54
C TRP B 302 -52.09 -63.08 50.93
N ASN B 303 -52.42 -62.12 50.06
CA ASN B 303 -53.36 -61.04 50.40
C ASN B 303 -54.87 -61.42 50.31
N PRO B 304 -55.54 -61.23 49.16
CA PRO B 304 -55.21 -60.75 47.80
C PRO B 304 -55.21 -59.21 47.68
N ASP C 14 26.91 29.14 -16.03
CA ASP C 14 27.72 30.38 -16.27
C ASP C 14 26.88 31.50 -16.88
N SER C 15 25.56 31.45 -16.65
CA SER C 15 24.63 32.37 -17.29
C SER C 15 24.48 33.64 -16.50
N PHE C 16 23.70 34.56 -17.07
CA PHE C 16 23.25 35.76 -16.37
C PHE C 16 22.46 35.35 -15.15
N TRP C 17 21.73 34.24 -15.24
CA TRP C 17 20.94 33.71 -14.13
C TRP C 17 21.77 32.76 -13.27
N GLU C 18 22.87 33.28 -12.74
CA GLU C 18 23.70 32.57 -11.78
C GLU C 18 23.90 33.46 -10.58
N VAL C 19 24.45 32.88 -9.52
CA VAL C 19 24.66 33.61 -8.28
C VAL C 19 25.86 34.55 -8.47
N GLY C 20 25.67 35.66 -9.18
CA GLY C 20 26.67 36.72 -9.26
C GLY C 20 27.07 37.24 -10.62
N ASN C 21 26.67 36.56 -11.69
CA ASN C 21 27.14 36.92 -13.04
C ASN C 21 26.40 38.08 -13.72
N TYR C 22 25.73 38.92 -12.94
CA TYR C 22 25.18 40.17 -13.48
C TYR C 22 26.23 41.28 -13.62
N LYS C 23 27.47 40.97 -13.22
CA LYS C 23 28.56 41.95 -13.19
C LYS C 23 28.92 42.54 -14.56
N ARG C 24 28.75 41.75 -15.60
CA ARG C 24 29.14 42.18 -16.95
C ARG C 24 28.27 43.34 -17.45
N THR C 25 27.01 43.37 -17.03
CA THR C 25 26.10 44.47 -17.37
C THR C 25 26.48 45.75 -16.63
N VAL C 26 27.20 45.62 -15.53
CA VAL C 26 27.75 46.76 -14.81
C VAL C 26 29.11 47.15 -15.39
N LYS C 27 29.94 46.16 -15.73
CA LYS C 27 31.21 46.42 -16.41
C LYS C 27 30.99 47.22 -17.72
N ARG C 28 29.85 46.95 -18.35
CA ARG C 28 29.41 47.65 -19.54
C ARG C 28 29.25 49.15 -19.29
N ILE C 29 28.45 49.51 -18.29
CA ILE C 29 28.12 50.91 -18.03
C ILE C 29 29.39 51.75 -17.79
N ASP C 30 30.30 51.22 -16.98
CA ASP C 30 31.62 51.84 -16.76
C ASP C 30 32.38 51.95 -18.07
N ASP C 31 32.47 50.85 -18.80
CA ASP C 31 33.07 50.85 -20.13
C ASP C 31 32.40 51.85 -21.07
N GLY C 32 31.11 52.12 -20.84
CA GLY C 32 30.40 53.18 -21.55
C GLY C 32 31.10 54.51 -21.44
N HIS C 33 31.25 54.99 -20.21
CA HIS C 33 32.06 56.20 -19.95
C HIS C 33 33.50 56.06 -20.49
N ARG C 34 34.03 54.84 -20.45
CA ARG C 34 35.39 54.55 -20.90
C ARG C 34 35.58 54.72 -22.41
N LEU C 35 34.61 54.31 -23.22
CA LEU C 35 34.73 54.49 -24.67
C LEU C 35 34.75 55.97 -25.01
N CYS C 36 33.78 56.72 -24.50
CA CYS C 36 33.77 58.17 -24.64
C CYS C 36 35.16 58.76 -24.54
N ASN C 37 35.93 58.29 -23.55
CA ASN C 37 37.34 58.68 -23.43
C ASN C 37 38.16 58.17 -24.61
N ASP C 38 38.08 56.87 -24.89
CA ASP C 38 38.83 56.30 -26.01
C ASP C 38 38.65 57.10 -27.31
N LEU C 39 37.42 57.48 -27.61
CA LEU C 39 37.09 58.17 -28.88
C LEU C 39 37.69 59.57 -28.96
N MET C 40 37.49 60.35 -27.90
CA MET C 40 38.06 61.70 -27.80
C MET C 40 39.57 61.68 -28.07
N SER C 41 40.26 60.69 -27.50
CA SER C 41 41.69 60.51 -27.77
C SER C 41 41.91 60.17 -29.24
N CYS C 42 40.97 59.45 -29.84
CA CYS C 42 41.11 59.07 -31.24
C CYS C 42 41.05 60.28 -32.14
N VAL C 43 39.99 61.06 -31.99
CA VAL C 43 39.84 62.29 -32.80
C VAL C 43 41.03 63.24 -32.53
N GLN C 44 41.56 63.22 -31.32
CA GLN C 44 42.73 64.01 -30.95
C GLN C 44 43.92 63.64 -31.80
N GLU C 45 44.26 62.35 -31.80
CA GLU C 45 45.47 61.86 -32.44
C GLU C 45 45.38 61.92 -33.95
N ARG C 46 44.18 62.13 -34.47
CA ARG C 46 44.00 62.44 -35.89
C ARG C 46 44.33 63.92 -36.13
N ALA C 47 43.62 64.80 -35.43
CA ALA C 47 43.82 66.25 -35.54
C ALA C 47 45.30 66.62 -35.61
N LYS C 48 46.09 66.08 -34.69
CA LYS C 48 47.54 66.24 -34.71
C LYS C 48 48.10 65.79 -36.06
N ILE C 49 47.73 64.58 -36.49
CA ILE C 49 48.25 64.03 -37.74
C ILE C 49 47.78 64.82 -38.97
N GLU C 50 46.54 65.31 -38.91
CA GLU C 50 45.94 66.15 -39.95
C GLU C 50 46.67 67.51 -40.02
N LYS C 51 46.77 68.16 -38.87
CA LYS C 51 47.52 69.41 -38.74
C LYS C 51 48.99 69.27 -39.18
N ALA C 52 49.55 68.06 -39.05
CA ALA C 52 50.95 67.78 -39.43
C ALA C 52 51.21 67.96 -40.92
N TYR C 53 50.22 67.60 -41.72
CA TYR C 53 50.26 67.78 -43.16
C TYR C 53 50.11 69.27 -43.48
N ALA C 54 49.14 69.92 -42.84
CA ALA C 54 48.86 71.33 -43.06
C ALA C 54 50.13 72.15 -42.94
N GLN C 55 50.80 71.99 -41.80
CA GLN C 55 52.00 72.78 -41.50
C GLN C 55 53.14 72.57 -42.51
N GLN C 56 53.29 71.34 -43.00
CA GLN C 56 54.33 71.02 -43.98
C GLN C 56 53.97 71.48 -45.39
N LEU C 57 52.67 71.50 -45.70
CA LEU C 57 52.22 72.10 -46.95
C LEU C 57 52.40 73.61 -46.91
N THR C 58 52.32 74.20 -45.71
CA THR C 58 52.69 75.60 -45.52
C THR C 58 54.19 75.80 -45.61
N ASP C 59 54.96 74.84 -45.08
CA ASP C 59 56.41 74.88 -45.20
C ASP C 59 56.76 74.96 -46.68
N TRP C 60 56.50 73.87 -47.38
CA TRP C 60 56.83 73.74 -48.80
C TRP C 60 56.29 74.90 -49.66
N ALA C 61 55.14 75.46 -49.28
CA ALA C 61 54.51 76.56 -50.01
C ALA C 61 55.23 77.89 -49.79
N LYS C 62 55.29 78.30 -48.52
CA LYS C 62 55.98 79.53 -48.12
C LYS C 62 57.46 79.52 -48.55
N ARG C 63 58.07 78.34 -48.52
CA ARG C 63 59.50 78.20 -48.78
C ARG C 63 59.83 78.29 -50.26
N TRP C 64 59.12 77.51 -51.09
CA TRP C 64 59.35 77.54 -52.54
C TRP C 64 58.79 78.79 -53.23
N ARG C 65 58.01 79.59 -52.52
CA ARG C 65 57.58 80.88 -53.06
C ARG C 65 58.78 81.82 -53.15
N GLN C 66 59.55 81.95 -52.06
CA GLN C 66 60.80 82.71 -52.07
C GLN C 66 61.67 82.24 -53.22
N LEU C 67 62.05 80.97 -53.18
CA LEU C 67 63.00 80.39 -54.14
C LEU C 67 62.66 80.73 -55.59
N ILE C 68 61.40 80.58 -55.96
CA ILE C 68 60.93 80.90 -57.32
C ILE C 68 60.93 82.41 -57.57
N GLU C 69 60.43 83.17 -56.58
CA GLU C 69 60.32 84.64 -56.67
C GLU C 69 61.62 85.36 -56.26
N LYS C 70 62.76 84.69 -56.43
CA LYS C 70 64.06 85.34 -56.37
C LYS C 70 64.90 84.78 -57.51
N GLY C 71 64.46 85.05 -58.73
CA GLY C 71 65.07 84.50 -59.95
C GLY C 71 65.04 82.98 -59.93
N PRO C 72 65.61 82.33 -60.96
CA PRO C 72 65.90 82.87 -62.27
C PRO C 72 64.72 82.65 -63.24
N GLN C 73 63.67 81.99 -62.76
CA GLN C 73 62.44 81.84 -63.55
C GLN C 73 61.75 83.19 -63.67
N TYR C 74 61.45 83.56 -64.91
CA TYR C 74 60.87 84.85 -65.25
C TYR C 74 59.50 84.64 -65.88
N GLY C 75 58.73 85.73 -66.01
CA GLY C 75 57.50 85.74 -66.80
C GLY C 75 56.40 84.79 -66.36
N SER C 76 55.66 84.28 -67.34
CA SER C 76 54.50 83.42 -67.11
C SER C 76 54.79 82.18 -66.29
N LEU C 77 55.58 81.26 -66.87
CA LEU C 77 55.88 79.98 -66.23
C LEU C 77 56.31 80.10 -64.76
N GLU C 78 56.74 81.30 -64.35
CA GLU C 78 56.96 81.58 -62.93
C GLU C 78 55.63 81.57 -62.19
N ARG C 79 54.65 82.30 -62.70
CA ARG C 79 53.31 82.29 -62.13
C ARG C 79 52.63 80.92 -62.22
N ALA C 80 52.84 80.23 -63.34
CA ALA C 80 52.40 78.85 -63.50
C ALA C 80 52.95 77.95 -62.37
N TRP C 81 54.23 78.15 -62.05
CA TRP C 81 54.90 77.39 -61.02
C TRP C 81 54.49 77.88 -59.63
N GLY C 82 54.29 79.18 -59.51
CA GLY C 82 53.85 79.80 -58.26
C GLY C 82 52.40 79.49 -57.91
N ALA C 83 51.65 78.98 -58.89
CA ALA C 83 50.31 78.44 -58.66
C ALA C 83 50.36 77.26 -57.67
N MET C 84 51.41 76.45 -57.78
CA MET C 84 51.56 75.30 -56.90
C MET C 84 51.71 75.72 -55.44
N MET C 85 52.53 76.72 -55.18
CA MET C 85 52.70 77.23 -53.82
C MET C 85 51.35 77.50 -53.15
N THR C 86 50.45 78.16 -53.86
CA THR C 86 49.16 78.50 -53.26
C THR C 86 48.19 77.33 -53.19
N GLU C 87 48.35 76.33 -54.07
CA GLU C 87 47.51 75.13 -53.96
C GLU C 87 47.84 74.42 -52.66
N ALA C 88 49.12 74.30 -52.36
CA ALA C 88 49.56 73.74 -51.09
C ALA C 88 48.92 74.52 -49.94
N ASP C 89 48.89 75.86 -50.08
CA ASP C 89 48.30 76.73 -49.06
C ASP C 89 46.81 76.51 -48.89
N LYS C 90 46.10 76.47 -50.00
CA LYS C 90 44.66 76.29 -49.96
C LYS C 90 44.30 74.92 -49.39
N VAL C 91 45.07 73.89 -49.79
CA VAL C 91 44.87 72.54 -49.25
C VAL C 91 45.19 72.52 -47.75
N SER C 92 46.36 73.06 -47.40
CA SER C 92 46.78 73.18 -46.00
C SER C 92 45.74 73.89 -45.14
N GLU C 93 44.97 74.78 -45.77
CA GLU C 93 43.88 75.49 -45.11
C GLU C 93 42.74 74.52 -44.80
N LEU C 94 42.39 73.67 -45.78
CA LEU C 94 41.28 72.73 -45.62
C LEU C 94 41.54 71.70 -44.51
N HIS C 95 42.79 71.25 -44.37
CA HIS C 95 43.16 70.35 -43.27
C HIS C 95 43.13 71.07 -41.91
N GLN C 96 43.54 72.34 -41.89
CA GLN C 96 43.45 73.17 -40.69
C GLN C 96 41.98 73.36 -40.27
N GLU C 97 41.09 73.47 -41.24
CA GLU C 97 39.66 73.51 -40.97
C GLU C 97 39.19 72.18 -40.40
N VAL C 98 39.59 71.07 -41.05
CA VAL C 98 39.27 69.70 -40.57
C VAL C 98 39.61 69.56 -39.09
N LYS C 99 40.82 69.99 -38.74
CA LYS C 99 41.31 70.01 -37.36
C LYS C 99 40.43 70.89 -36.46
N ASN C 100 40.31 72.17 -36.79
CA ASN C 100 39.47 73.09 -36.03
C ASN C 100 38.02 72.64 -35.93
N SER C 101 37.58 71.87 -36.93
CA SER C 101 36.26 71.25 -36.88
C SER C 101 36.32 70.02 -35.96
N LEU C 102 37.35 69.20 -36.15
CA LEU C 102 37.49 67.92 -35.44
C LEU C 102 37.57 68.05 -33.90
N LEU C 103 38.13 69.17 -33.42
CA LEU C 103 38.33 69.38 -31.98
C LEU C 103 37.29 70.29 -31.37
N ASN C 104 37.11 71.47 -31.96
CA ASN C 104 36.22 72.48 -31.39
C ASN C 104 34.73 72.07 -31.44
N GLU C 105 34.35 71.29 -32.45
CA GLU C 105 32.95 70.86 -32.60
C GLU C 105 32.75 69.40 -32.19
N ASP C 106 33.49 68.48 -32.83
CA ASP C 106 33.29 67.02 -32.66
C ASP C 106 33.63 66.55 -31.25
N LEU C 107 34.89 66.73 -30.83
CA LEU C 107 35.37 66.26 -29.52
C LEU C 107 34.59 66.86 -28.33
N GLU C 108 34.32 68.16 -28.40
CA GLU C 108 33.58 68.86 -27.35
C GLU C 108 32.08 68.49 -27.33
N LYS C 109 31.67 67.54 -28.17
CA LYS C 109 30.33 66.97 -28.10
C LYS C 109 30.38 65.75 -27.20
N VAL C 110 31.34 64.86 -27.49
CA VAL C 110 31.57 63.67 -26.68
C VAL C 110 31.87 64.11 -25.25
N LYS C 111 32.90 64.94 -25.09
CA LYS C 111 33.26 65.51 -23.79
C LYS C 111 32.04 66.04 -23.02
N ASN C 112 31.15 66.73 -23.74
CA ASN C 112 29.98 67.36 -23.12
C ASN C 112 28.86 66.36 -22.80
N TRP C 113 28.68 65.36 -23.66
CA TRP C 113 27.67 64.31 -23.44
C TRP C 113 28.06 63.39 -22.27
N GLN C 114 29.35 63.08 -22.20
CA GLN C 114 29.93 62.28 -21.12
C GLN C 114 29.64 62.93 -19.77
N LYS C 115 29.88 64.23 -19.71
CA LYS C 115 29.61 65.05 -18.53
C LYS C 115 28.13 65.04 -18.14
N ASP C 116 27.25 65.08 -19.14
CA ASP C 116 25.80 65.23 -18.92
C ASP C 116 25.12 63.90 -18.63
N ALA C 117 25.54 62.84 -19.33
CA ALA C 117 24.95 61.50 -19.17
C ALA C 117 25.39 60.87 -17.83
N TYR C 118 26.70 60.81 -17.62
CA TYR C 118 27.27 60.24 -16.39
C TYR C 118 27.43 61.31 -15.30
N HIS C 119 27.42 60.86 -14.05
CA HIS C 119 27.55 61.75 -12.91
C HIS C 119 28.55 61.19 -11.91
N LYS C 120 29.57 61.98 -11.58
CA LYS C 120 30.62 61.53 -10.67
C LYS C 120 30.13 61.42 -9.23
N GLN C 121 30.65 60.41 -8.53
CA GLN C 121 30.39 60.20 -7.11
C GLN C 121 31.73 60.18 -6.39
N ILE C 122 32.09 61.30 -5.75
CA ILE C 122 33.42 61.49 -5.13
C ILE C 122 33.88 60.27 -4.33
N MET C 123 32.94 59.65 -3.63
CA MET C 123 33.17 58.36 -2.95
C MET C 123 32.47 57.28 -3.79
N GLY C 124 33.22 56.68 -4.71
CA GLY C 124 32.69 55.68 -5.63
C GLY C 124 33.02 55.97 -7.08
N GLY C 125 32.66 55.04 -7.96
CA GLY C 125 32.92 55.19 -9.40
C GLY C 125 31.97 56.17 -10.04
N PHE C 126 30.86 55.66 -10.57
CA PHE C 126 29.80 56.50 -11.12
C PHE C 126 28.43 56.12 -10.56
N LYS C 127 27.57 57.11 -10.34
CA LYS C 127 26.21 56.91 -9.85
C LYS C 127 25.41 55.97 -10.77
N GLU C 128 25.69 56.01 -12.06
CA GLU C 128 25.02 55.18 -13.05
C GLU C 128 25.50 53.71 -13.04
N THR C 129 26.74 53.49 -12.62
CA THR C 129 27.29 52.14 -12.43
C THR C 129 26.87 51.57 -11.08
N LYS C 130 26.96 52.39 -10.04
CA LYS C 130 26.63 51.97 -8.66
C LYS C 130 25.14 51.67 -8.50
N GLU C 131 24.29 52.61 -8.91
CA GLU C 131 22.82 52.46 -8.77
C GLU C 131 22.29 51.21 -9.46
N ALA C 132 22.65 51.03 -10.73
CA ALA C 132 22.27 49.85 -11.51
C ALA C 132 22.74 48.57 -10.81
N GLU C 133 23.99 48.59 -10.35
CA GLU C 133 24.60 47.47 -9.64
C GLU C 133 23.79 47.09 -8.39
N ASP C 134 23.39 48.09 -7.61
CA ASP C 134 22.56 47.89 -6.41
C ASP C 134 21.23 47.22 -6.75
N GLY C 135 20.56 47.74 -7.77
CA GLY C 135 19.26 47.20 -8.19
C GLY C 135 19.30 45.72 -8.50
N PHE C 136 20.32 45.32 -9.27
CA PHE C 136 20.56 43.91 -9.57
C PHE C 136 20.75 43.12 -8.29
N ARG C 137 21.63 43.63 -7.44
CA ARG C 137 22.01 42.95 -6.21
C ARG C 137 20.80 42.74 -5.30
N LYS C 138 19.94 43.75 -5.20
CA LYS C 138 18.75 43.69 -4.34
C LYS C 138 17.70 42.70 -4.85
N ALA C 139 17.51 42.65 -6.17
CA ALA C 139 16.61 41.67 -6.79
C ALA C 139 17.16 40.23 -6.67
N GLN C 140 18.48 40.11 -6.48
CA GLN C 140 19.13 38.82 -6.26
C GLN C 140 19.39 38.54 -4.76
N LYS C 141 18.78 39.34 -3.88
CA LYS C 141 18.92 39.12 -2.43
C LYS C 141 18.22 37.83 -1.98
N PRO C 142 16.95 37.63 -2.40
CA PRO C 142 16.23 36.41 -2.01
C PRO C 142 16.83 35.13 -2.63
N TRP C 143 17.13 35.19 -3.92
CA TRP C 143 17.76 34.07 -4.63
C TRP C 143 19.12 33.73 -4.03
N ALA C 144 19.90 34.76 -3.69
CA ALA C 144 21.22 34.59 -3.07
C ALA C 144 21.13 33.68 -1.86
N LYS C 145 20.24 34.02 -0.93
CA LYS C 145 20.09 33.25 0.31
C LYS C 145 19.52 31.87 0.03
N LYS C 146 18.48 31.79 -0.78
CA LYS C 146 17.82 30.51 -1.04
C LYS C 146 18.70 29.51 -1.77
N MET C 147 19.63 30.00 -2.59
CA MET C 147 20.58 29.13 -3.29
C MET C 147 21.63 28.57 -2.33
N LYS C 148 21.87 29.30 -1.24
CA LYS C 148 22.77 28.85 -0.19
C LYS C 148 22.09 27.79 0.65
N GLU C 149 20.81 28.00 0.98
CA GLU C 149 20.00 27.02 1.72
C GLU C 149 19.83 25.73 0.92
N LEU C 150 19.57 25.87 -0.38
CA LEU C 150 19.41 24.72 -1.27
C LEU C 150 20.67 23.85 -1.26
N GLU C 151 21.84 24.48 -1.22
CA GLU C 151 23.12 23.76 -1.28
C GLU C 151 23.44 23.04 0.04
N ALA C 152 23.12 23.68 1.17
CA ALA C 152 23.24 23.05 2.48
C ALA C 152 22.30 21.85 2.54
N ALA C 153 21.07 22.05 2.08
CA ALA C 153 20.08 20.98 2.01
C ALA C 153 20.50 19.87 1.06
N LYS C 154 21.22 20.23 0.00
CA LYS C 154 21.74 19.25 -0.95
C LYS C 154 22.79 18.35 -0.29
N LYS C 155 23.77 18.97 0.38
CA LYS C 155 24.80 18.22 1.12
C LYS C 155 24.18 17.42 2.25
N ALA C 156 23.41 18.10 3.10
CA ALA C 156 22.74 17.47 4.23
C ALA C 156 22.11 16.14 3.84
N TYR C 157 21.42 16.12 2.71
CA TYR C 157 20.75 14.90 2.23
C TYR C 157 21.70 13.93 1.52
N HIS C 158 22.63 14.46 0.73
CA HIS C 158 23.58 13.60 0.02
C HIS C 158 24.54 12.85 0.96
N LEU C 159 24.94 13.50 2.06
CA LEU C 159 25.91 12.92 3.00
C LEU C 159 25.22 11.97 4.00
N ALA C 160 24.05 12.36 4.49
CA ALA C 160 23.27 11.52 5.38
C ALA C 160 22.76 10.28 4.65
N CYS C 161 22.60 10.41 3.33
CA CYS C 161 22.14 9.32 2.47
C CYS C 161 23.26 8.29 2.20
N LYS C 162 24.43 8.78 1.82
CA LYS C 162 25.61 7.93 1.56
C LYS C 162 25.79 6.84 2.63
N GLU C 163 25.65 7.25 3.88
CA GLU C 163 25.76 6.35 5.04
C GLU C 163 24.89 5.11 4.91
N GLU C 164 23.57 5.31 4.85
CA GLU C 164 22.58 4.22 4.78
C GLU C 164 22.97 3.13 3.78
N ARG C 165 23.42 3.56 2.60
CA ARG C 165 23.75 2.63 1.52
C ARG C 165 24.98 1.80 1.87
N LEU C 166 26.07 2.48 2.25
CA LEU C 166 27.33 1.80 2.57
C LEU C 166 27.40 1.25 4.02
N ALA C 167 26.53 1.76 4.90
CA ALA C 167 26.50 1.33 6.30
C ALA C 167 25.46 0.24 6.58
N MET C 168 24.69 -0.16 5.56
CA MET C 168 23.91 -1.41 5.62
C MET C 168 24.70 -2.57 5.00
N THR C 169 25.84 -2.24 4.37
CA THR C 169 26.82 -3.26 3.96
C THR C 169 27.50 -3.86 5.20
N ARG C 170 27.48 -3.12 6.32
CA ARG C 170 28.00 -3.57 7.61
C ARG C 170 26.89 -4.21 8.46
N GLU C 171 25.63 -3.91 8.12
CA GLU C 171 24.46 -4.53 8.73
C GLU C 171 24.28 -5.98 8.22
N MET C 172 24.45 -6.17 6.91
CA MET C 172 24.40 -7.51 6.31
C MET C 172 25.47 -8.44 6.89
N ASN C 173 26.59 -7.86 7.33
CA ASN C 173 27.65 -8.63 7.98
C ASN C 173 27.20 -9.37 9.25
N SER C 174 26.15 -8.88 9.89
CA SER C 174 25.59 -9.51 11.09
C SER C 174 25.13 -10.96 10.90
N LYS C 175 25.08 -11.40 9.64
CA LYS C 175 24.68 -12.77 9.31
C LYS C 175 25.83 -13.64 8.74
N THR C 176 26.95 -13.02 8.38
CA THR C 176 28.07 -13.73 7.75
C THR C 176 28.85 -14.62 8.73
N GLU C 177 29.52 -14.00 9.71
CA GLU C 177 30.38 -14.73 10.65
C GLU C 177 29.55 -15.39 11.76
N GLN C 178 28.94 -14.57 12.63
CA GLN C 178 27.98 -15.06 13.62
C GLN C 178 27.11 -13.90 14.17
N SER C 179 27.53 -13.28 15.28
CA SER C 179 26.76 -12.20 15.92
C SER C 179 25.30 -12.58 16.18
N VAL C 180 25.09 -13.74 16.81
CA VAL C 180 23.75 -14.30 17.01
C VAL C 180 22.87 -13.39 17.90
N THR C 181 23.14 -13.38 19.20
CA THR C 181 22.36 -12.58 20.16
C THR C 181 22.58 -11.08 19.88
N PRO C 182 21.58 -10.22 20.21
CA PRO C 182 21.79 -8.77 20.00
C PRO C 182 22.83 -8.12 20.92
N GLU C 183 23.40 -8.89 21.85
CA GLU C 183 24.53 -8.45 22.70
C GLU C 183 25.70 -7.90 21.86
N GLN C 184 25.99 -8.57 20.75
CA GLN C 184 27.04 -8.16 19.80
C GLN C 184 26.46 -7.35 18.62
N GLN C 185 25.13 -7.36 18.49
CA GLN C 185 24.41 -6.68 17.42
C GLN C 185 23.68 -5.43 17.96
N LYS C 186 24.38 -4.65 18.80
CA LYS C 186 23.77 -3.49 19.48
C LYS C 186 23.17 -2.50 18.48
N LYS C 187 24.04 -1.81 17.74
CA LYS C 187 23.63 -1.07 16.56
C LYS C 187 24.51 -1.49 15.38
N LEU C 188 24.82 -2.78 15.36
CA LEU C 188 25.50 -3.44 14.25
C LEU C 188 24.50 -3.49 13.09
N VAL C 189 23.25 -3.82 13.41
CA VAL C 189 22.15 -3.80 12.46
C VAL C 189 21.18 -2.64 12.70
N ASP C 190 20.96 -2.28 13.95
CA ASP C 190 19.94 -1.28 14.30
C ASP C 190 20.48 0.16 14.37
N LYS C 191 21.56 0.43 13.64
CA LYS C 191 21.95 1.80 13.30
C LYS C 191 21.17 2.26 12.08
N VAL C 192 20.91 1.34 11.14
CA VAL C 192 20.19 1.67 9.91
C VAL C 192 18.70 1.93 10.12
N ASP C 193 18.23 1.88 11.38
CA ASP C 193 16.86 2.26 11.72
C ASP C 193 16.72 3.79 11.71
N LYS C 194 17.53 4.45 12.53
CA LYS C 194 17.56 5.91 12.57
C LYS C 194 18.32 6.47 11.37
N CYS C 195 19.40 5.80 10.98
CA CYS C 195 20.21 6.21 9.84
C CYS C 195 19.39 6.38 8.57
N ARG C 196 18.43 5.47 8.35
CA ARG C 196 17.50 5.57 7.22
C ARG C 196 16.54 6.72 7.43
N GLN C 197 16.01 6.85 8.64
CA GLN C 197 15.14 7.98 9.00
C GLN C 197 15.91 9.31 9.00
N ASP C 198 17.22 9.24 9.24
CA ASP C 198 18.09 10.41 9.12
C ASP C 198 18.19 10.82 7.65
N VAL C 199 18.20 9.84 6.75
CA VAL C 199 18.21 10.08 5.30
C VAL C 199 16.89 10.69 4.82
N GLN C 200 15.78 10.26 5.43
CA GLN C 200 14.45 10.65 4.99
C GLN C 200 13.99 11.99 5.56
N LYS C 201 14.36 12.27 6.81
CA LYS C 201 14.02 13.54 7.44
C LYS C 201 14.87 14.68 6.84
N THR C 202 16.05 14.34 6.34
CA THR C 202 16.96 15.29 5.70
C THR C 202 16.59 15.57 4.23
N GLN C 203 16.10 14.54 3.55
CA GLN C 203 15.57 14.67 2.19
C GLN C 203 14.38 15.62 2.13
N GLU C 204 13.61 15.72 3.21
CA GLU C 204 12.43 16.59 3.26
C GLU C 204 12.80 18.07 3.20
N LYS C 205 13.84 18.46 3.94
CA LYS C 205 14.33 19.84 3.95
C LYS C 205 14.98 20.21 2.61
N TYR C 206 15.51 19.21 1.90
CA TYR C 206 15.99 19.39 0.52
C TYR C 206 14.80 19.72 -0.38
N GLU C 207 13.79 18.86 -0.36
CA GLU C 207 12.59 19.04 -1.16
C GLU C 207 11.82 20.33 -0.84
N LYS C 208 11.83 20.71 0.44
CA LYS C 208 11.08 21.89 0.90
C LYS C 208 11.72 23.18 0.37
N VAL C 209 13.03 23.30 0.53
CA VAL C 209 13.79 24.45 0.04
C VAL C 209 13.86 24.46 -1.49
N LEU C 210 13.68 23.28 -2.08
CA LEU C 210 13.60 23.12 -3.53
C LEU C 210 12.35 23.82 -4.08
N GLU C 211 11.22 23.59 -3.41
CA GLU C 211 9.94 24.17 -3.83
C GLU C 211 9.99 25.69 -3.70
N ASP C 212 10.50 26.18 -2.57
CA ASP C 212 10.58 27.62 -2.34
C ASP C 212 11.37 28.30 -3.47
N VAL C 213 12.42 27.64 -3.94
CA VAL C 213 13.19 28.14 -5.07
C VAL C 213 12.28 28.35 -6.27
N GLY C 214 11.63 27.26 -6.70
CA GLY C 214 10.77 27.28 -7.90
C GLY C 214 9.63 28.28 -7.86
N LYS C 215 9.04 28.46 -6.69
CA LYS C 215 7.93 29.39 -6.52
C LYS C 215 8.36 30.85 -6.65
N THR C 216 9.55 31.16 -6.15
CA THR C 216 10.05 32.52 -6.16
C THR C 216 11.06 32.80 -7.29
N THR C 217 11.11 31.90 -8.29
CA THR C 217 11.94 32.13 -9.47
C THR C 217 11.41 33.32 -10.30
N PRO C 218 10.09 33.36 -10.55
CA PRO C 218 9.58 34.51 -11.29
C PRO C 218 10.03 35.83 -10.67
N GLN C 219 9.87 35.96 -9.36
CA GLN C 219 10.28 37.17 -8.64
C GLN C 219 11.75 37.49 -8.88
N TYR C 220 12.59 36.46 -8.91
CA TYR C 220 14.01 36.65 -9.20
C TYR C 220 14.19 37.08 -10.66
N MET C 221 13.40 36.51 -11.55
CA MET C 221 13.51 36.84 -12.98
C MET C 221 13.00 38.24 -13.29
N GLU C 222 11.71 38.47 -13.07
CA GLU C 222 11.10 39.76 -13.41
C GLU C 222 11.83 40.92 -12.72
N GLY C 223 12.40 40.65 -11.54
CA GLY C 223 13.20 41.65 -10.82
C GLY C 223 14.54 41.98 -11.46
N MET C 224 15.19 40.99 -12.08
CA MET C 224 16.48 41.20 -12.73
C MET C 224 16.28 41.85 -14.09
N GLU C 225 15.21 41.47 -14.78
CA GLU C 225 14.86 42.11 -16.06
C GLU C 225 14.64 43.61 -15.90
N GLN C 226 14.06 44.01 -14.77
CA GLN C 226 13.83 45.43 -14.45
C GLN C 226 15.10 46.26 -14.55
N VAL C 227 16.11 45.88 -13.77
CA VAL C 227 17.37 46.60 -13.73
C VAL C 227 18.10 46.48 -15.07
N PHE C 228 17.94 45.33 -15.73
CA PHE C 228 18.58 45.11 -17.03
C PHE C 228 17.95 45.99 -18.12
N GLU C 229 16.63 45.99 -18.25
CA GLU C 229 15.95 46.83 -19.24
C GLU C 229 16.33 48.30 -19.05
N GLN C 230 16.58 48.71 -17.81
CA GLN C 230 17.09 50.05 -17.54
C GLN C 230 18.53 50.25 -18.05
N CYS C 231 19.34 49.19 -18.04
CA CYS C 231 20.70 49.25 -18.62
C CYS C 231 20.71 49.34 -20.14
N GLN C 232 19.68 48.79 -20.78
CA GLN C 232 19.55 48.84 -22.24
C GLN C 232 19.17 50.26 -22.70
N GLN C 233 18.24 50.89 -21.99
CA GLN C 233 17.89 52.31 -22.21
C GLN C 233 19.15 53.17 -22.23
N PHE C 234 19.97 53.03 -21.18
CA PHE C 234 21.19 53.83 -21.02
C PHE C 234 22.23 53.50 -22.09
N GLU C 235 22.39 52.21 -22.38
CA GLU C 235 23.35 51.77 -23.40
C GLU C 235 22.94 52.28 -24.79
N GLU C 236 21.67 52.09 -25.13
CA GLU C 236 21.12 52.56 -26.40
C GLU C 236 21.39 54.04 -26.58
N LYS C 237 21.03 54.82 -25.57
CA LYS C 237 21.19 56.27 -25.58
C LYS C 237 22.64 56.69 -25.89
N ARG C 238 23.60 55.81 -25.57
CA ARG C 238 25.01 56.01 -25.94
C ARG C 238 25.25 55.66 -27.40
N LEU C 239 24.85 54.45 -27.79
CA LEU C 239 25.05 53.98 -29.16
C LEU C 239 24.39 54.92 -30.16
N VAL C 240 23.20 55.40 -29.81
CA VAL C 240 22.51 56.42 -30.60
C VAL C 240 23.43 57.61 -30.82
N PHE C 241 23.92 58.17 -29.72
CA PHE C 241 24.80 59.35 -29.75
C PHE C 241 26.12 59.09 -30.46
N LEU C 242 26.63 57.87 -30.30
CA LEU C 242 27.93 57.49 -30.86
C LEU C 242 27.81 57.31 -32.37
N LYS C 243 26.76 56.64 -32.82
CA LYS C 243 26.51 56.52 -34.27
C LYS C 243 26.57 57.90 -34.93
N GLU C 244 25.90 58.86 -34.31
CA GLU C 244 25.79 60.22 -34.81
C GLU C 244 27.16 60.91 -34.92
N VAL C 245 27.92 60.87 -33.83
CA VAL C 245 29.22 61.57 -33.78
C VAL C 245 30.21 60.99 -34.79
N LEU C 246 30.24 59.66 -34.93
CA LEU C 246 31.06 59.03 -35.98
C LEU C 246 30.67 59.55 -37.38
N LEU C 247 29.37 59.71 -37.60
CA LEU C 247 28.86 60.24 -38.86
C LEU C 247 29.32 61.69 -39.03
N ASP C 248 29.26 62.47 -37.94
CA ASP C 248 29.75 63.84 -37.94
C ASP C 248 31.25 63.92 -38.20
N ILE C 249 32.02 62.98 -37.65
CA ILE C 249 33.46 62.96 -37.89
C ILE C 249 33.76 62.67 -39.37
N LYS C 250 32.92 61.85 -40.00
CA LYS C 250 33.10 61.53 -41.41
C LYS C 250 32.94 62.78 -42.27
N ARG C 251 31.80 63.46 -42.12
CA ARG C 251 31.58 64.72 -42.84
C ARG C 251 32.81 65.60 -42.74
N HIS C 252 33.31 65.78 -41.52
CA HIS C 252 34.44 66.67 -41.24
C HIS C 252 35.74 66.16 -41.86
N LEU C 253 35.97 64.85 -41.84
CA LEU C 253 37.16 64.26 -42.47
C LEU C 253 37.17 64.39 -43.99
N ASN C 254 35.97 64.48 -44.58
CA ASN C 254 35.84 64.49 -46.04
C ASN C 254 36.10 65.87 -46.66
N LEU C 255 37.15 65.96 -47.46
CA LEU C 255 37.42 67.18 -48.20
C LEU C 255 36.69 67.20 -49.55
N ALA C 256 36.08 66.07 -49.93
CA ALA C 256 35.25 66.04 -51.13
C ALA C 256 33.87 66.67 -50.88
N GLU C 257 33.53 66.96 -49.62
CA GLU C 257 32.24 67.62 -49.28
C GLU C 257 32.16 69.07 -49.78
N ASN C 258 33.07 69.93 -49.33
CA ASN C 258 33.16 71.28 -49.90
C ASN C 258 33.87 71.26 -51.26
N SER C 259 33.20 71.79 -52.29
CA SER C 259 33.81 71.92 -53.62
C SER C 259 35.12 72.69 -53.52
N SER C 260 35.22 73.58 -52.54
CA SER C 260 36.44 74.31 -52.25
C SER C 260 37.72 73.49 -52.49
N TYR C 261 37.67 72.18 -52.22
CA TYR C 261 38.78 71.30 -52.58
C TYR C 261 38.91 71.20 -54.10
N MET C 262 37.83 70.74 -54.73
CA MET C 262 37.79 70.57 -56.19
C MET C 262 38.08 71.87 -56.94
N HIS C 263 37.70 73.00 -56.35
CA HIS C 263 37.99 74.33 -56.91
C HIS C 263 39.49 74.58 -57.05
N VAL C 264 40.26 74.18 -56.03
CA VAL C 264 41.68 74.46 -55.99
C VAL C 264 42.42 73.90 -57.21
N TYR C 265 42.15 72.64 -57.54
CA TYR C 265 42.84 71.97 -58.66
C TYR C 265 42.26 72.34 -60.02
N ARG C 266 41.21 73.16 -60.04
CA ARG C 266 40.75 73.80 -61.26
C ARG C 266 41.54 75.08 -61.49
N GLU C 267 41.76 75.84 -60.42
CA GLU C 267 42.59 77.06 -60.48
C GLU C 267 44.04 76.76 -60.88
N LEU C 268 44.57 75.66 -60.39
CA LEU C 268 45.96 75.29 -60.66
C LEU C 268 46.12 75.02 -62.15
N GLU C 269 45.20 74.25 -62.73
CA GLU C 269 45.23 73.90 -64.15
C GLU C 269 44.97 75.13 -65.00
N GLN C 270 44.00 75.92 -64.58
CA GLN C 270 43.66 77.17 -65.24
C GLN C 270 44.87 78.10 -65.28
N ALA C 271 45.48 78.34 -64.12
CA ALA C 271 46.68 79.17 -64.05
C ALA C 271 47.84 78.57 -64.86
N ILE C 272 48.03 77.26 -64.75
CA ILE C 272 49.10 76.56 -65.48
C ILE C 272 48.88 76.56 -67.01
N ARG C 273 47.63 76.71 -67.45
CA ARG C 273 47.35 76.88 -68.88
C ARG C 273 47.57 78.32 -69.32
N GLY C 274 47.49 79.25 -68.35
CA GLY C 274 47.82 80.66 -68.57
C GLY C 274 49.23 80.89 -69.08
N ALA C 275 50.09 79.89 -68.93
CA ALA C 275 51.39 79.86 -69.58
C ALA C 275 51.27 80.10 -71.09
N ASP C 276 52.24 80.82 -71.65
CA ASP C 276 52.28 81.15 -73.06
C ASP C 276 53.72 81.45 -73.47
N ALA C 277 54.54 80.39 -73.52
CA ALA C 277 55.98 80.51 -73.76
C ALA C 277 56.34 81.63 -74.73
N GLN C 278 55.56 81.78 -75.80
CA GLN C 278 55.77 82.84 -76.78
C GLN C 278 55.89 84.22 -76.13
N GLU C 279 54.93 84.57 -75.27
CA GLU C 279 54.95 85.87 -74.58
C GLU C 279 56.19 86.04 -73.71
N ASP C 280 56.61 84.96 -73.04
CA ASP C 280 57.78 85.00 -72.18
C ASP C 280 59.02 85.26 -73.00
N LEU C 281 59.15 84.52 -74.10
CA LEU C 281 60.26 84.71 -75.02
C LEU C 281 60.29 86.14 -75.54
N ARG C 282 59.15 86.62 -76.03
CA ARG C 282 59.05 87.97 -76.62
C ARG C 282 59.35 89.06 -75.59
N TRP C 283 58.96 88.83 -74.34
CA TRP C 283 59.25 89.79 -73.29
C TRP C 283 60.77 89.93 -73.12
N PHE C 284 61.44 88.80 -72.93
CA PHE C 284 62.89 88.78 -72.69
C PHE C 284 63.69 89.39 -73.86
N ARG C 285 63.18 89.21 -75.07
CA ARG C 285 63.73 89.89 -76.24
C ARG C 285 63.62 91.40 -76.05
N SER C 286 62.40 91.89 -75.82
CA SER C 286 62.13 93.33 -75.77
C SER C 286 62.69 94.05 -74.54
N THR C 287 62.87 93.35 -73.43
CA THR C 287 63.37 93.95 -72.19
C THR C 287 64.85 93.77 -72.00
N SER C 288 65.40 92.66 -72.51
CA SER C 288 66.78 92.25 -72.24
C SER C 288 67.61 91.81 -73.47
N GLY C 289 67.06 91.98 -74.67
CA GLY C 289 67.70 91.49 -75.89
C GLY C 289 67.62 92.44 -77.08
N PRO C 290 67.75 91.90 -78.31
CA PRO C 290 67.65 92.60 -79.60
C PRO C 290 66.51 93.60 -79.77
N GLY C 291 65.45 93.46 -78.97
CA GLY C 291 64.37 94.43 -78.96
C GLY C 291 64.75 95.75 -78.33
N MET C 292 65.69 95.73 -77.40
CA MET C 292 66.08 96.92 -76.64
C MET C 292 66.56 98.06 -77.54
N PRO C 293 65.94 99.25 -77.43
CA PRO C 293 66.47 100.44 -78.06
C PRO C 293 67.91 100.73 -77.66
N MET C 294 68.51 101.65 -78.40
CA MET C 294 69.95 101.80 -78.42
C MET C 294 70.35 103.09 -79.12
N ASN C 295 71.30 103.81 -78.53
CA ASN C 295 71.78 105.06 -79.09
C ASN C 295 73.02 104.78 -79.93
N TRP C 296 72.80 104.62 -81.24
CA TRP C 296 73.88 104.27 -82.15
C TRP C 296 74.85 105.44 -82.31
N PRO C 297 76.16 105.15 -82.20
CA PRO C 297 77.15 106.24 -82.24
C PRO C 297 76.92 107.12 -83.43
N GLN C 298 77.14 108.43 -83.28
CA GLN C 298 77.12 109.29 -84.46
C GLN C 298 78.09 110.48 -84.39
N PHE C 299 77.92 111.41 -83.46
CA PHE C 299 78.82 112.56 -83.43
C PHE C 299 78.72 113.26 -82.09
N GLU C 300 79.86 113.73 -81.59
CA GLU C 300 79.89 114.52 -80.37
C GLU C 300 80.79 115.71 -80.65
N GLU C 301 80.43 116.86 -80.09
CA GLU C 301 81.22 118.08 -80.24
C GLU C 301 81.94 118.44 -78.94
N TRP C 302 82.82 119.43 -79.02
CA TRP C 302 83.62 119.87 -77.87
C TRP C 302 82.84 120.83 -76.97
N ASN C 303 82.39 120.33 -75.81
CA ASN C 303 81.66 121.13 -74.83
C ASN C 303 81.72 120.43 -73.45
N PRO C 304 82.29 121.10 -72.42
CA PRO C 304 82.82 122.48 -72.36
C PRO C 304 84.05 122.74 -73.24
N VAL D 4 -21.11 -91.60 47.96
CA VAL D 4 -22.04 -90.66 48.65
C VAL D 4 -23.37 -90.57 47.89
N ARG D 5 -24.47 -90.55 48.64
CA ARG D 5 -25.80 -90.41 48.06
C ARG D 5 -26.48 -89.16 48.63
N VAL D 6 -27.67 -88.86 48.11
CA VAL D 6 -28.29 -87.56 48.37
C VAL D 6 -29.79 -87.62 48.08
N ARG D 7 -30.60 -86.89 48.86
CA ARG D 7 -32.05 -86.86 48.71
C ARG D 7 -32.53 -85.43 48.53
N ALA D 8 -33.47 -85.23 47.61
CA ALA D 8 -33.96 -83.89 47.28
C ALA D 8 -34.87 -83.34 48.38
N LEU D 9 -34.50 -82.17 48.90
CA LEU D 9 -35.28 -81.50 49.93
C LEU D 9 -36.43 -80.72 49.33
N TYR D 10 -36.23 -80.18 48.12
CA TYR D 10 -37.26 -79.37 47.46
C TYR D 10 -37.39 -79.71 45.97
N ASP D 11 -38.50 -79.29 45.38
CA ASP D 11 -38.69 -79.34 43.92
C ASP D 11 -37.71 -78.36 43.26
N TYR D 12 -37.13 -78.77 42.15
CA TYR D 12 -36.35 -77.86 41.33
C TYR D 12 -36.53 -78.20 39.85
N ASP D 13 -37.14 -77.28 39.12
CA ASP D 13 -37.14 -77.33 37.67
C ASP D 13 -35.86 -76.64 37.18
N GLY D 14 -35.01 -77.38 36.47
CA GLY D 14 -33.81 -76.80 35.89
C GLY D 14 -34.17 -75.66 34.98
N GLN D 15 -33.21 -74.79 34.70
CA GLN D 15 -33.44 -73.61 33.85
C GLN D 15 -32.58 -73.59 32.58
N GLU D 16 -31.73 -74.61 32.42
CA GLU D 16 -30.87 -74.77 31.23
C GLU D 16 -30.90 -76.23 30.79
N GLN D 17 -30.14 -76.57 29.77
CA GLN D 17 -29.97 -77.97 29.37
C GLN D 17 -29.01 -78.70 30.33
N ASP D 18 -27.94 -78.00 30.74
CA ASP D 18 -26.93 -78.59 31.63
C ASP D 18 -27.40 -78.65 33.08
N GLU D 19 -28.65 -78.27 33.31
CA GLU D 19 -29.26 -78.30 34.62
C GLU D 19 -29.99 -79.63 34.82
N LEU D 20 -30.24 -80.00 36.08
CA LEU D 20 -30.97 -81.21 36.43
C LEU D 20 -32.35 -80.83 36.98
N SER D 21 -33.38 -81.63 36.67
CA SER D 21 -34.74 -81.38 37.18
C SER D 21 -35.23 -82.53 38.05
N PHE D 22 -35.70 -82.19 39.25
CA PHE D 22 -36.21 -83.19 40.20
C PHE D 22 -37.26 -82.59 41.14
N LYS D 23 -38.24 -83.42 41.54
CA LYS D 23 -39.22 -83.03 42.55
C LYS D 23 -38.77 -83.57 43.90
N ALA D 24 -39.20 -82.90 44.97
CA ALA D 24 -38.68 -83.16 46.32
C ALA D 24 -38.83 -84.62 46.72
N GLY D 25 -37.80 -85.16 47.36
CA GLY D 25 -37.77 -86.55 47.77
C GLY D 25 -36.91 -87.43 46.88
N ASP D 26 -36.76 -87.04 45.61
CA ASP D 26 -35.95 -87.81 44.67
C ASP D 26 -34.51 -87.96 45.17
N GLU D 27 -33.91 -89.12 44.91
CA GLU D 27 -32.58 -89.45 45.44
C GLU D 27 -31.51 -89.57 44.34
N LEU D 28 -30.41 -88.83 44.53
CA LEU D 28 -29.35 -88.70 43.52
C LEU D 28 -28.04 -89.38 43.95
N THR D 29 -27.07 -89.38 43.02
CA THR D 29 -25.70 -89.79 43.28
C THR D 29 -24.77 -88.62 42.94
N LYS D 30 -23.96 -88.21 43.90
CA LYS D 30 -22.99 -87.11 43.68
C LYS D 30 -21.80 -87.55 42.81
N LEU D 31 -21.29 -86.63 42.00
CA LEU D 31 -20.09 -86.85 41.21
C LEU D 31 -19.17 -85.63 41.29
N GLY D 32 -18.88 -85.18 42.50
CA GLY D 32 -18.01 -84.03 42.75
C GLY D 32 -18.56 -83.10 43.82
N GLU D 33 -17.71 -82.24 44.37
CA GLU D 33 -18.12 -81.28 45.41
C GLU D 33 -18.73 -80.01 44.81
N GLU D 34 -19.06 -79.04 45.65
CA GLU D 34 -19.60 -77.75 45.21
C GLU D 34 -18.58 -76.91 44.44
N ASP D 35 -18.98 -76.44 43.25
CA ASP D 35 -18.13 -75.58 42.42
C ASP D 35 -18.12 -74.13 42.95
N GLU D 36 -17.84 -73.16 42.09
CA GLU D 36 -17.79 -71.75 42.51
C GLU D 36 -19.09 -71.34 43.21
N GLN D 37 -20.22 -71.51 42.52
CA GLN D 37 -21.51 -71.01 43.00
C GLN D 37 -22.40 -72.09 43.62
N GLY D 38 -21.78 -73.14 44.18
CA GLY D 38 -22.52 -74.16 44.91
C GLY D 38 -23.36 -75.09 44.04
N TRP D 39 -22.73 -75.63 43.01
CA TRP D 39 -23.36 -76.66 42.17
C TRP D 39 -22.48 -77.90 42.20
N CYS D 40 -23.12 -79.05 42.05
CA CYS D 40 -22.43 -80.34 42.00
C CYS D 40 -22.90 -81.11 40.76
N ARG D 41 -21.96 -81.74 40.07
CA ARG D 41 -22.31 -82.67 39.00
C ARG D 41 -22.98 -83.87 39.66
N GLY D 42 -24.26 -84.06 39.36
CA GLY D 42 -25.05 -85.14 39.96
C GLY D 42 -25.55 -86.08 38.89
N ARG D 43 -26.39 -87.01 39.28
CA ARG D 43 -26.90 -88.02 38.37
C ARG D 43 -28.20 -88.61 38.89
N LEU D 44 -29.29 -88.43 38.14
CA LEU D 44 -30.57 -89.08 38.45
C LEU D 44 -30.47 -90.57 38.18
N ASP D 45 -31.51 -91.31 38.55
CA ASP D 45 -31.55 -92.74 38.31
C ASP D 45 -31.55 -93.09 36.83
N SER D 46 -32.28 -92.31 36.03
CA SER D 46 -32.80 -92.80 34.75
C SER D 46 -32.33 -92.16 33.43
N GLY D 47 -31.07 -91.77 33.24
CA GLY D 47 -30.01 -91.72 34.26
C GLY D 47 -29.23 -90.45 33.98
N GLN D 48 -29.98 -89.34 34.00
CA GLN D 48 -29.49 -88.02 33.59
C GLN D 48 -28.14 -87.67 34.18
N LEU D 49 -27.33 -86.97 33.41
CA LEU D 49 -26.13 -86.33 33.93
C LEU D 49 -26.33 -84.83 33.83
N GLY D 50 -26.42 -84.15 34.97
CA GLY D 50 -26.62 -82.70 34.99
C GLY D 50 -26.24 -82.07 36.31
N LEU D 51 -26.03 -80.74 36.29
CA LEU D 51 -25.67 -79.99 37.50
C LEU D 51 -26.92 -79.69 38.32
N TYR D 52 -26.80 -79.81 39.65
CA TYR D 52 -27.92 -79.57 40.57
C TYR D 52 -27.49 -78.68 41.74
N PRO D 53 -28.43 -77.88 42.29
CA PRO D 53 -28.07 -76.99 43.39
C PRO D 53 -27.72 -77.76 44.66
N ALA D 54 -26.57 -77.43 45.26
CA ALA D 54 -26.07 -78.13 46.44
C ALA D 54 -27.05 -78.08 47.62
N ASN D 55 -27.53 -76.89 47.97
CA ASN D 55 -28.38 -76.72 49.15
C ASN D 55 -29.86 -77.08 48.92
N TYR D 56 -30.17 -77.75 47.82
CA TYR D 56 -31.51 -78.28 47.58
C TYR D 56 -31.60 -79.76 47.94
N VAL D 57 -30.57 -80.27 48.61
CA VAL D 57 -30.40 -81.71 48.78
C VAL D 57 -29.67 -82.03 50.10
N GLU D 58 -30.22 -82.95 50.89
CA GLU D 58 -29.57 -83.39 52.13
C GLU D 58 -28.81 -84.70 51.91
N ALA D 59 -27.72 -84.87 52.65
CA ALA D 59 -26.86 -86.05 52.50
C ALA D 59 -27.21 -87.09 53.56
N VAL E 4 1.12 -10.28 -11.48
CA VAL E 4 -0.11 -9.49 -11.73
C VAL E 4 -1.37 -10.35 -11.53
N ARG E 5 -2.42 -9.75 -10.94
CA ARG E 5 -3.66 -10.48 -10.57
C ARG E 5 -4.65 -10.58 -11.73
N VAL E 6 -5.63 -11.47 -11.56
CA VAL E 6 -6.61 -11.78 -12.61
C VAL E 6 -7.86 -12.46 -12.02
N ARG E 7 -9.04 -12.03 -12.45
CA ARG E 7 -10.31 -12.56 -11.93
C ARG E 7 -10.99 -13.52 -12.89
N ALA E 8 -11.33 -14.72 -12.39
CA ALA E 8 -11.99 -15.74 -13.19
C ALA E 8 -13.44 -15.35 -13.50
N LEU E 9 -13.76 -15.24 -14.78
CA LEU E 9 -15.13 -14.93 -15.21
C LEU E 9 -16.05 -16.14 -15.11
N TYR E 10 -15.58 -17.26 -15.65
CA TYR E 10 -16.41 -18.47 -15.79
C TYR E 10 -15.83 -19.66 -15.00
N ASP E 11 -16.67 -20.66 -14.74
CA ASP E 11 -16.22 -21.93 -14.18
C ASP E 11 -15.45 -22.68 -15.25
N TYR E 12 -14.23 -23.13 -14.92
CA TYR E 12 -13.43 -23.96 -15.82
C TYR E 12 -12.88 -25.19 -15.09
N ASP E 13 -13.32 -26.36 -15.55
CA ASP E 13 -12.70 -27.62 -15.16
C ASP E 13 -11.61 -27.94 -16.18
N GLY E 14 -10.42 -28.30 -15.69
CA GLY E 14 -9.32 -28.67 -16.56
C GLY E 14 -9.62 -29.95 -17.32
N GLN E 15 -8.58 -30.52 -17.93
CA GLN E 15 -8.71 -31.78 -18.66
C GLN E 15 -7.44 -32.65 -18.58
N GLU E 16 -6.63 -32.44 -17.56
CA GLU E 16 -5.33 -33.10 -17.41
C GLU E 16 -4.84 -32.96 -15.96
N GLN E 17 -3.60 -33.39 -15.73
CA GLN E 17 -2.86 -33.00 -14.53
C GLN E 17 -2.33 -31.57 -14.67
N ASP E 18 -1.79 -31.25 -15.85
CA ASP E 18 -1.12 -29.96 -16.09
C ASP E 18 -2.08 -28.80 -16.41
N GLU E 19 -3.37 -29.08 -16.50
CA GLU E 19 -4.37 -28.03 -16.66
C GLU E 19 -4.64 -27.45 -15.27
N LEU E 20 -5.46 -26.40 -15.20
CA LEU E 20 -5.73 -25.69 -13.95
C LEU E 20 -7.23 -25.41 -13.80
N SER E 21 -7.76 -25.60 -12.59
CA SER E 21 -9.20 -25.54 -12.33
C SER E 21 -9.56 -24.43 -11.33
N PHE E 22 -10.64 -23.70 -11.63
CA PHE E 22 -11.09 -22.58 -10.78
C PHE E 22 -12.58 -22.28 -10.95
N LYS E 23 -13.21 -21.83 -9.87
CA LYS E 23 -14.62 -21.43 -9.89
C LYS E 23 -14.77 -20.06 -10.54
N ALA E 24 -16.02 -19.62 -10.72
CA ALA E 24 -16.30 -18.28 -11.25
C ALA E 24 -16.13 -17.23 -10.15
N GLY E 25 -15.40 -16.16 -10.46
CA GLY E 25 -15.12 -15.10 -9.49
C GLY E 25 -13.79 -15.25 -8.76
N ASP E 26 -13.16 -16.43 -8.89
CA ASP E 26 -11.87 -16.72 -8.24
C ASP E 26 -10.74 -15.81 -8.72
N GLU E 27 -9.67 -15.75 -7.93
CA GLU E 27 -8.52 -14.91 -8.25
C GLU E 27 -7.23 -15.73 -8.40
N LEU E 28 -6.67 -15.72 -9.61
CA LEU E 28 -5.38 -16.36 -9.90
C LEU E 28 -4.30 -15.27 -9.99
N THR E 29 -3.09 -15.66 -10.36
CA THR E 29 -2.01 -14.71 -10.68
C THR E 29 -1.39 -15.14 -12.01
N LYS E 30 -1.14 -14.19 -12.90
CA LYS E 30 -0.42 -14.48 -14.13
C LYS E 30 1.07 -14.70 -13.83
N LEU E 31 1.64 -15.75 -14.42
CA LEU E 31 3.07 -16.04 -14.32
C LEU E 31 3.73 -15.93 -15.71
N GLY E 32 3.31 -14.92 -16.47
CA GLY E 32 3.74 -14.72 -17.86
C GLY E 32 2.58 -14.32 -18.76
N GLU E 33 2.82 -14.34 -20.07
CA GLU E 33 1.81 -14.00 -21.07
C GLU E 33 1.30 -15.25 -21.80
N GLU E 34 0.36 -15.05 -22.73
CA GLU E 34 -0.22 -16.15 -23.52
C GLU E 34 0.80 -16.76 -24.48
N ASP E 35 0.40 -17.84 -25.13
CA ASP E 35 1.22 -18.52 -26.13
C ASP E 35 0.49 -18.53 -27.48
N GLU E 36 0.93 -19.40 -28.39
CA GLU E 36 0.41 -19.45 -29.76
C GLU E 36 -1.08 -19.83 -29.85
N GLN E 37 -1.63 -20.41 -28.78
CA GLN E 37 -3.01 -20.88 -28.76
C GLN E 37 -3.92 -20.03 -27.86
N GLY E 38 -3.41 -19.65 -26.69
CA GLY E 38 -4.20 -18.91 -25.69
C GLY E 38 -4.27 -19.63 -24.35
N TRP E 39 -3.12 -20.16 -23.92
CA TRP E 39 -2.98 -20.82 -22.62
C TRP E 39 -2.02 -20.02 -21.76
N CYS E 40 -2.47 -19.58 -20.58
CA CYS E 40 -1.62 -18.85 -19.65
C CYS E 40 -1.18 -19.72 -18.49
N ARG E 41 -0.05 -19.36 -17.90
CA ARG E 41 0.47 -20.05 -16.72
C ARG E 41 -0.07 -19.34 -15.48
N GLY E 42 -0.84 -20.05 -14.65
CA GLY E 42 -1.50 -19.46 -13.49
C GLY E 42 -1.00 -19.97 -12.16
N ARG E 43 -1.54 -19.42 -11.08
CA ARG E 43 -1.19 -19.85 -9.72
C ARG E 43 -2.32 -19.58 -8.73
N LEU E 44 -3.02 -20.64 -8.31
CA LEU E 44 -4.14 -20.57 -7.38
C LEU E 44 -3.69 -20.33 -5.93
N ASP E 45 -4.67 -20.15 -5.03
CA ASP E 45 -4.43 -20.11 -3.59
C ASP E 45 -4.67 -21.49 -3.02
N SER E 46 -3.75 -21.96 -2.18
CA SER E 46 -3.83 -23.29 -1.56
C SER E 46 -3.93 -24.47 -2.55
N GLY E 47 -3.23 -24.43 -3.69
CA GLY E 47 -2.28 -23.37 -4.09
C GLY E 47 -1.53 -23.80 -5.34
N GLN E 48 -2.29 -24.21 -6.35
CA GLN E 48 -1.76 -24.92 -7.53
C GLN E 48 -0.85 -24.08 -8.43
N LEU E 49 -0.24 -24.76 -9.40
CA LEU E 49 0.36 -24.13 -10.58
C LEU E 49 -0.13 -24.93 -11.80
N GLY E 50 -0.41 -24.25 -12.91
CA GLY E 50 -0.91 -24.94 -14.11
C GLY E 50 -1.36 -24.02 -15.22
N LEU E 51 -1.46 -24.57 -16.43
CA LEU E 51 -1.87 -23.81 -17.62
C LEU E 51 -3.40 -23.65 -17.65
N TYR E 52 -3.86 -22.40 -17.73
CA TYR E 52 -5.30 -22.11 -17.77
C TYR E 52 -5.68 -21.31 -19.04
N PRO E 53 -6.97 -21.27 -19.39
CA PRO E 53 -7.38 -20.58 -20.63
C PRO E 53 -7.35 -19.06 -20.48
N ALA E 54 -6.74 -18.38 -21.45
CA ALA E 54 -6.56 -16.93 -21.40
C ALA E 54 -7.87 -16.15 -21.27
N ASN E 55 -8.91 -16.64 -21.95
CA ASN E 55 -10.18 -15.92 -22.08
C ASN E 55 -11.31 -16.37 -21.12
N TYR E 56 -10.92 -16.89 -19.96
CA TYR E 56 -11.86 -17.21 -18.87
C TYR E 56 -11.61 -16.26 -17.70
N VAL E 57 -11.15 -15.05 -18.02
CA VAL E 57 -10.48 -14.20 -17.03
C VAL E 57 -10.50 -12.71 -17.44
N GLU E 58 -10.46 -11.84 -16.43
CA GLU E 58 -10.47 -10.38 -16.63
C GLU E 58 -9.52 -9.66 -15.65
N ALA E 59 -9.48 -8.33 -15.74
CA ALA E 59 -8.72 -7.51 -14.81
C ALA E 59 -9.32 -7.59 -13.40
#